data_8DJG
#
_entry.id   8DJG
#
_cell.length_a   81.799
_cell.length_b   97.849
_cell.length_c   163.058
_cell.angle_alpha   90.000
_cell.angle_beta   90.000
_cell.angle_gamma   90.000
#
_symmetry.space_group_name_H-M   'P 21 21 21'
#
loop_
_entity.id
_entity.type
_entity.pdbx_description
1 polymer 'sAB Heavy Chain'
2 polymer 'sAB Light Chain'
3 polymer 'Isoform 2 of Adhesion G protein-coupled receptor L3'
4 non-polymer 'SULFATE ION'
5 non-polymer GLYCEROL
6 non-polymer DI(HYDROXYETHYL)ETHER
7 water water
#
loop_
_entity_poly.entity_id
_entity_poly.type
_entity_poly.pdbx_seq_one_letter_code
_entity_poly.pdbx_strand_id
1 'polypeptide(L)'
;EISEVQLVESGGGLVQPGGSLRLSCAASGFNIYYSSIHWVRQAPGKGLEWVAYISPYSGSTSYADSVKGRFTISADTSKN
TAYLQMNSLRAEDTAVYYCARYKYGQGHMGAFDYWGQGTLVTVSSASTKGPSVFPLAPSSKSTSGGTAALGCLVKDYFPE
PVTVSWNSGALTSGVHTFPAVLQSSGLYSLSSVVTVPSSSLGTQTYICNVNHKPSNTKVDKKVEPKSCDKTHT
;
A,C
2 'polypeptide(L)'
;SDIQMTQSPSSLSASVGDRVTITCRASQSVSSAVAWYQQKPGKAPKLLIYSASSLYSGVPSRFSGSRSGTDFTLTISSLQ
PEDFATYYCQQSNTELVTFGQGTKVEIKRTVAAPSVFIFPPSDSQLKSGTASVVCLLNNFYPREAKVQWKVDNALQSGNS
QESVTEQDSKDSTYSLSSTLTLSKADYEKHKVYACEVTHQGLSSPVTKSFNRGEC
;
B,D
3 'polypeptide(L)'
;PIPMAVVRRELSCESYPIELRCPGTDVIMIESANYGRTDDKICDSDPAQMENIRCYLPDAYKIMSQRCNNRTQCAVVAGP
DVFPDPCPGTYKYLEVQYECVPYHHHHHH
;
E,F
#
# COMPACT_ATOMS: atom_id res chain seq x y z
N GLU A 1 -33.72 -14.50 -27.92
CA GLU A 1 -33.54 -14.50 -29.37
C GLU A 1 -33.14 -13.13 -29.96
N ILE A 2 -33.54 -12.00 -29.35
CA ILE A 2 -33.09 -10.69 -29.83
C ILE A 2 -31.65 -10.47 -29.37
N SER A 3 -30.81 -9.91 -30.26
CA SER A 3 -29.36 -9.77 -29.95
C SER A 3 -29.06 -8.60 -29.02
N GLU A 4 -27.95 -8.69 -28.25
CA GLU A 4 -27.53 -7.59 -27.35
C GLU A 4 -26.03 -7.74 -27.10
N VAL A 5 -25.32 -6.63 -26.91
CA VAL A 5 -23.87 -6.70 -26.58
C VAL A 5 -23.76 -7.02 -25.09
N GLN A 6 -23.09 -8.12 -24.76
CA GLN A 6 -22.93 -8.50 -23.34
C GLN A 6 -21.62 -9.26 -23.14
N LEU A 7 -20.94 -9.03 -22.02
CA LEU A 7 -19.71 -9.80 -21.71
C LEU A 7 -19.97 -10.63 -20.46
N VAL A 8 -20.03 -11.96 -20.60
CA VAL A 8 -20.35 -12.85 -19.45
C VAL A 8 -19.06 -13.57 -19.04
N GLU A 9 -18.70 -13.48 -17.75
CA GLU A 9 -17.42 -14.09 -17.31
C GLU A 9 -17.65 -15.39 -16.56
N SER A 10 -16.69 -16.31 -16.63
CA SER A 10 -16.75 -17.56 -15.84
C SER A 10 -15.35 -17.95 -15.50
N GLY A 11 -15.26 -18.95 -14.61
CA GLY A 11 -13.99 -19.49 -14.22
C GLY A 11 -13.48 -19.09 -12.86
N GLY A 12 -14.17 -18.18 -12.19
CA GLY A 12 -13.69 -17.71 -10.88
C GLY A 12 -13.87 -18.76 -9.80
N GLY A 13 -13.12 -18.63 -8.70
CA GLY A 13 -13.30 -19.57 -7.58
C GLY A 13 -12.15 -19.51 -6.59
N LEU A 14 -12.03 -20.54 -5.75
CA LEU A 14 -10.98 -20.57 -4.72
C LEU A 14 -9.77 -21.33 -5.25
N VAL A 15 -8.57 -20.79 -5.02
CA VAL A 15 -7.32 -21.48 -5.44
C VAL A 15 -6.35 -21.49 -4.26
N GLN A 16 -5.39 -22.41 -4.25
CA GLN A 16 -4.36 -22.40 -3.18
C GLN A 16 -3.09 -21.77 -3.76
N PRO A 17 -2.21 -21.13 -2.94
CA PRO A 17 -1.03 -20.44 -3.46
C PRO A 17 -0.18 -21.38 -4.33
N GLY A 18 0.26 -20.89 -5.48
CA GLY A 18 1.12 -21.70 -6.38
C GLY A 18 0.31 -22.50 -7.38
N GLY A 19 -1.02 -22.53 -7.21
CA GLY A 19 -1.90 -23.28 -8.10
C GLY A 19 -2.25 -22.50 -9.35
N SER A 20 -3.36 -22.86 -10.00
CA SER A 20 -3.70 -22.19 -11.28
C SER A 20 -5.22 -22.07 -11.45
N LEU A 21 -5.66 -21.15 -12.31
CA LEU A 21 -7.11 -21.01 -12.58
C LEU A 21 -7.27 -20.37 -13.96
N ARG A 22 -8.38 -20.68 -14.64
CA ARG A 22 -8.60 -20.15 -16.01
C ARG A 22 -9.88 -19.32 -16.02
N LEU A 23 -9.78 -18.05 -16.37
CA LEU A 23 -10.97 -17.18 -16.43
C LEU A 23 -11.40 -17.08 -17.89
N SER A 24 -12.70 -16.99 -18.13
CA SER A 24 -13.21 -16.95 -19.52
C SER A 24 -14.13 -15.74 -19.70
N CYS A 25 -13.93 -14.98 -20.78
CA CYS A 25 -14.80 -13.82 -21.07
C CYS A 25 -15.52 -14.11 -22.39
N ALA A 26 -16.75 -14.62 -22.32
CA ALA A 26 -17.49 -14.89 -23.55
C ALA A 26 -18.28 -13.69 -24.06
N ALA A 27 -18.04 -13.39 -25.34
CA ALA A 27 -18.68 -12.22 -25.94
C ALA A 27 -19.93 -12.57 -26.73
N SER A 28 -20.97 -11.78 -26.54
CA SER A 28 -22.23 -11.84 -27.31
C SER A 28 -22.52 -10.46 -27.93
N GLY A 29 -23.11 -10.45 -29.12
CA GLY A 29 -23.56 -9.22 -29.78
C GLY A 29 -22.54 -8.41 -30.58
N PHE A 30 -21.28 -8.86 -30.54
CA PHE A 30 -20.19 -8.22 -31.31
C PHE A 30 -19.11 -9.28 -31.52
N ASN A 31 -18.13 -9.01 -32.39
CA ASN A 31 -17.05 -9.99 -32.66
C ASN A 31 -15.76 -9.52 -31.96
N ILE A 32 -15.18 -10.37 -31.12
CA ILE A 32 -13.93 -10.05 -30.40
C ILE A 32 -12.88 -9.60 -31.42
N TYR A 33 -12.91 -10.16 -32.63
CA TYR A 33 -11.90 -9.84 -33.67
C TYR A 33 -11.82 -8.33 -33.86
N TYR A 34 -12.95 -7.64 -33.78
CA TYR A 34 -12.97 -6.18 -34.02
C TYR A 34 -12.95 -5.43 -32.69
N SER A 35 -12.26 -6.01 -31.71
CA SER A 35 -12.21 -5.40 -30.37
C SER A 35 -10.89 -5.74 -29.67
N SER A 36 -10.56 -5.00 -28.61
CA SER A 36 -9.38 -5.38 -27.81
C SER A 36 -9.89 -5.79 -26.43
N ILE A 37 -9.57 -7.00 -25.99
CA ILE A 37 -10.12 -7.49 -24.69
C ILE A 37 -9.09 -7.29 -23.59
N HIS A 38 -9.49 -6.69 -22.48
CA HIS A 38 -8.65 -6.34 -21.37
C HIS A 38 -9.26 -7.00 -20.15
N TRP A 39 -8.41 -7.33 -19.21
CA TRP A 39 -8.85 -7.79 -17.92
C TRP A 39 -8.49 -6.73 -16.89
N VAL A 40 -9.43 -6.37 -16.04
CA VAL A 40 -9.13 -5.37 -15.05
C VAL A 40 -9.63 -5.90 -13.71
N ARG A 41 -8.78 -5.80 -12.69
CA ARG A 41 -9.12 -6.32 -11.39
C ARG A 41 -9.14 -5.21 -10.37
N GLN A 42 -9.75 -5.53 -9.25
CA GLN A 42 -9.94 -4.60 -8.15
C GLN A 42 -9.91 -5.45 -6.92
N ALA A 43 -8.95 -5.20 -6.07
CA ALA A 43 -8.91 -5.87 -4.79
C ALA A 43 -9.87 -5.19 -3.84
N PRO A 44 -10.36 -5.92 -2.77
CA PRO A 44 -11.35 -5.30 -1.86
C PRO A 44 -10.84 -3.97 -1.34
N GLY A 45 -11.61 -2.91 -1.55
CA GLY A 45 -11.29 -1.58 -1.09
C GLY A 45 -10.17 -0.87 -1.83
N LYS A 46 -9.69 -1.41 -2.93
CA LYS A 46 -8.60 -0.81 -3.68
C LYS A 46 -9.05 -0.29 -5.03
N GLY A 47 -8.10 0.26 -5.78
CA GLY A 47 -8.37 0.85 -7.07
C GLY A 47 -8.34 -0.20 -8.15
N LEU A 48 -8.64 0.25 -9.35
CA LEU A 48 -8.60 -0.62 -10.52
C LEU A 48 -7.19 -0.88 -11.00
N GLU A 49 -6.91 -2.13 -11.35
CA GLU A 49 -5.60 -2.50 -11.87
C GLU A 49 -5.79 -3.29 -13.15
N TRP A 50 -5.36 -2.70 -14.27
CA TRP A 50 -5.39 -3.39 -15.55
C TRP A 50 -4.35 -4.50 -15.47
N VAL A 51 -4.65 -5.68 -16.00
CA VAL A 51 -3.73 -6.80 -15.93
C VAL A 51 -3.14 -7.13 -17.30
N ALA A 52 -4.00 -7.29 -18.32
CA ALA A 52 -3.53 -7.75 -19.61
C ALA A 52 -4.59 -7.48 -20.67
N TYR A 53 -4.15 -7.43 -21.92
CA TYR A 53 -5.04 -7.25 -23.05
C TYR A 53 -4.68 -8.22 -24.18
N ILE A 54 -5.55 -8.28 -25.18
CA ILE A 54 -5.29 -9.07 -26.42
C ILE A 54 -6.12 -8.41 -27.52
N SER A 55 -5.52 -8.17 -28.69
CA SER A 55 -6.30 -7.64 -29.84
C SER A 55 -6.34 -8.70 -30.92
N PRO A 56 -7.31 -9.65 -30.92
CA PRO A 56 -7.31 -10.74 -31.88
C PRO A 56 -7.06 -10.31 -33.33
N TYR A 57 -7.42 -9.07 -33.67
CA TYR A 57 -7.14 -8.57 -35.04
C TYR A 57 -5.69 -8.88 -35.40
N SER A 58 -4.75 -8.40 -34.58
CA SER A 58 -3.29 -8.58 -34.85
C SER A 58 -2.69 -9.53 -33.82
N GLY A 59 -3.50 -10.02 -32.90
CA GLY A 59 -3.12 -10.88 -31.80
C GLY A 59 -1.97 -10.43 -30.96
N SER A 60 -1.63 -9.13 -30.98
CA SER A 60 -0.62 -8.66 -30.05
C SER A 60 -1.15 -8.67 -28.62
N THR A 61 -0.23 -8.76 -27.66
CA THR A 61 -0.62 -8.92 -26.28
C THR A 61 0.29 -8.02 -25.46
N SER A 62 -0.21 -7.57 -24.31
CA SER A 62 0.55 -6.82 -23.33
C SER A 62 0.19 -7.36 -21.96
N TYR A 63 1.15 -7.34 -21.03
CA TYR A 63 0.89 -7.87 -19.70
C TYR A 63 1.42 -6.86 -18.68
N ALA A 64 0.72 -6.74 -17.56
CA ALA A 64 1.22 -5.97 -16.42
C ALA A 64 2.45 -6.61 -15.79
N ASP A 65 3.39 -5.76 -15.37
CA ASP A 65 4.69 -6.30 -14.85
C ASP A 65 4.42 -7.20 -13.64
N SER A 66 3.27 -7.00 -12.98
CA SER A 66 2.93 -7.79 -11.79
C SER A 66 2.51 -9.21 -12.19
N VAL A 67 2.03 -9.41 -13.41
CA VAL A 67 1.50 -10.73 -13.82
C VAL A 67 2.35 -11.36 -14.93
N LYS A 68 3.29 -10.61 -15.50
CA LYS A 68 4.10 -11.13 -16.62
C LYS A 68 4.81 -12.41 -16.20
N GLY A 69 4.71 -13.45 -17.01
CA GLY A 69 5.42 -14.72 -16.72
C GLY A 69 4.53 -15.73 -16.02
N ARG A 70 3.51 -15.26 -15.31
CA ARG A 70 2.60 -16.17 -14.57
C ARG A 70 1.24 -16.18 -15.25
N PHE A 71 0.88 -15.05 -15.88
CA PHE A 71 -0.46 -14.93 -16.51
C PHE A 71 -0.33 -14.88 -18.02
N THR A 72 -1.18 -15.61 -18.74
CA THR A 72 -1.19 -15.59 -20.20
C THR A 72 -2.62 -15.33 -20.64
N ILE A 73 -2.79 -14.32 -21.49
CA ILE A 73 -4.08 -13.99 -22.10
C ILE A 73 -4.09 -14.56 -23.53
N SER A 74 -5.26 -15.04 -23.94
CA SER A 74 -5.43 -15.54 -25.28
C SER A 74 -6.88 -15.34 -25.70
N ALA A 75 -7.16 -15.55 -26.98
CA ALA A 75 -8.53 -15.48 -27.47
C ALA A 75 -8.74 -16.51 -28.56
N ASP A 76 -9.95 -17.07 -28.62
CA ASP A 76 -10.38 -18.01 -29.66
C ASP A 76 -11.54 -17.32 -30.39
N THR A 77 -11.27 -16.76 -31.57
CA THR A 77 -12.27 -15.96 -32.26
C THR A 77 -13.45 -16.80 -32.75
N SER A 78 -13.22 -18.09 -33.04
CA SER A 78 -14.31 -18.95 -33.49
C SER A 78 -15.33 -19.17 -32.36
N LYS A 79 -14.88 -19.16 -31.09
CA LYS A 79 -15.77 -19.21 -29.91
C LYS A 79 -16.13 -17.82 -29.40
N ASN A 80 -15.66 -16.75 -30.04
CA ASN A 80 -15.90 -15.37 -29.54
C ASN A 80 -15.68 -15.33 -28.02
N THR A 81 -14.54 -15.85 -27.56
CA THR A 81 -14.26 -15.92 -26.11
C THR A 81 -12.79 -15.64 -25.84
N ALA A 82 -12.49 -14.73 -24.91
CA ALA A 82 -11.12 -14.46 -24.50
C ALA A 82 -10.87 -15.21 -23.20
N TYR A 83 -9.60 -15.48 -22.90
CA TYR A 83 -9.26 -16.28 -21.73
C TYR A 83 -8.14 -15.57 -20.99
N LEU A 84 -8.05 -15.82 -19.68
CA LEU A 84 -6.89 -15.42 -18.90
C LEU A 84 -6.47 -16.63 -18.07
N GLN A 85 -5.36 -17.25 -18.44
CA GLN A 85 -4.79 -18.35 -17.66
C GLN A 85 -3.87 -17.80 -16.57
N MET A 86 -4.22 -18.12 -15.33
CA MET A 86 -3.45 -17.56 -14.19
C MET A 86 -2.77 -18.70 -13.45
N ASN A 87 -1.47 -18.86 -13.67
CA ASN A 87 -0.70 -19.87 -12.96
C ASN A 87 0.04 -19.28 -11.78
N SER A 88 0.49 -20.17 -10.89
CA SER A 88 1.35 -19.80 -9.78
C SER A 88 0.76 -18.64 -9.01
N LEU A 89 -0.50 -18.80 -8.67
CA LEU A 89 -1.22 -17.70 -8.06
C LEU A 89 -0.65 -17.38 -6.68
N ARG A 90 -0.68 -16.08 -6.31
CA ARG A 90 -0.19 -15.64 -5.01
C ARG A 90 -1.30 -14.83 -4.38
N ALA A 91 -1.24 -14.74 -3.03
CA ALA A 91 -2.21 -14.01 -2.24
C ALA A 91 -2.47 -12.59 -2.74
N GLU A 92 -1.44 -11.89 -3.22
CA GLU A 92 -1.73 -10.53 -3.67
C GLU A 92 -2.55 -10.49 -4.95
N ASP A 93 -2.82 -11.64 -5.58
CA ASP A 93 -3.66 -11.72 -6.77
C ASP A 93 -5.15 -11.83 -6.47
N THR A 94 -5.49 -11.93 -5.18
CA THR A 94 -6.90 -12.10 -4.77
C THR A 94 -7.66 -10.81 -5.11
N ALA A 95 -8.72 -10.92 -5.91
CA ALA A 95 -9.47 -9.72 -6.35
C ALA A 95 -10.59 -10.06 -7.32
N VAL A 96 -11.61 -9.21 -7.40
CA VAL A 96 -12.62 -9.38 -8.45
C VAL A 96 -11.98 -9.03 -9.79
N TYR A 97 -12.10 -9.96 -10.73
CA TYR A 97 -11.54 -9.73 -12.09
C TYR A 97 -12.67 -9.38 -13.05
N TYR A 98 -12.51 -8.28 -13.79
CA TYR A 98 -13.52 -7.82 -14.77
C TYR A 98 -12.90 -7.74 -16.16
N CYS A 99 -13.53 -8.41 -17.14
CA CYS A 99 -13.06 -8.32 -18.54
C CYS A 99 -13.79 -7.17 -19.23
N ALA A 100 -13.08 -6.42 -20.08
CA ALA A 100 -13.69 -5.22 -20.69
C ALA A 100 -13.36 -5.16 -22.19
N ARG A 101 -14.14 -4.40 -22.95
CA ARG A 101 -13.94 -4.38 -24.42
C ARG A 101 -13.70 -2.98 -24.96
N TYR A 102 -12.80 -2.85 -25.94
CA TYR A 102 -12.64 -1.55 -26.63
C TYR A 102 -13.11 -1.83 -28.06
N LYS A 103 -14.35 -1.44 -28.37
CA LYS A 103 -14.91 -1.71 -29.72
C LYS A 103 -14.32 -0.71 -30.71
N TYR A 104 -13.71 -1.23 -31.77
CA TYR A 104 -13.11 -0.35 -32.80
C TYR A 104 -14.23 0.26 -33.65
N GLY A 105 -14.02 1.47 -34.17
CA GLY A 105 -15.01 2.07 -35.09
C GLY A 105 -15.98 3.01 -34.44
N GLN A 106 -15.75 3.39 -33.18
CA GLN A 106 -16.73 4.22 -32.49
C GLN A 106 -16.16 5.53 -31.97
N GLY A 107 -14.84 5.72 -32.05
CA GLY A 107 -14.20 6.91 -31.54
C GLY A 107 -13.57 6.74 -30.18
N HIS A 108 -13.79 5.60 -29.51
CA HIS A 108 -13.44 5.43 -28.10
C HIS A 108 -11.94 5.53 -27.86
N MET A 109 -11.11 5.23 -28.86
CA MET A 109 -9.65 5.23 -28.74
C MET A 109 -9.13 4.67 -27.42
N GLY A 110 -9.70 3.56 -26.96
CA GLY A 110 -9.27 2.87 -25.75
C GLY A 110 -10.35 2.73 -24.69
N ALA A 111 -11.43 3.52 -24.74
CA ALA A 111 -12.47 3.45 -23.72
C ALA A 111 -13.08 2.06 -23.65
N PHE A 112 -13.60 1.72 -22.47
CA PHE A 112 -14.27 0.45 -22.18
C PHE A 112 -15.73 0.79 -21.91
N ASP A 113 -16.60 0.35 -22.80
CA ASP A 113 -18.00 0.71 -22.74
C ASP A 113 -18.91 -0.44 -22.29
N TYR A 114 -18.33 -1.61 -22.03
CA TYR A 114 -19.02 -2.82 -21.60
C TYR A 114 -18.02 -3.64 -20.80
N TRP A 115 -18.47 -3.98 -19.59
CA TRP A 115 -17.62 -4.77 -18.68
C TRP A 115 -18.39 -6.03 -18.33
N GLY A 116 -17.71 -7.04 -17.80
CA GLY A 116 -18.41 -8.25 -17.35
C GLY A 116 -19.01 -8.07 -15.97
N GLN A 117 -19.80 -9.04 -15.52
CA GLN A 117 -20.39 -8.97 -14.16
C GLN A 117 -19.28 -9.10 -13.13
N GLY A 118 -18.19 -9.78 -13.49
CA GLY A 118 -17.05 -9.94 -12.59
C GLY A 118 -17.09 -11.28 -11.87
N THR A 119 -15.93 -11.90 -11.71
CA THR A 119 -15.84 -13.17 -10.94
C THR A 119 -14.75 -12.99 -9.87
N LEU A 120 -14.89 -13.64 -8.72
CA LEU A 120 -13.93 -13.43 -7.59
C LEU A 120 -12.93 -14.57 -7.52
N VAL A 121 -11.64 -14.23 -7.41
CA VAL A 121 -10.59 -15.27 -7.25
C VAL A 121 -9.94 -15.08 -5.88
N THR A 122 -10.07 -16.06 -4.99
CA THR A 122 -9.47 -15.99 -3.63
C THR A 122 -8.28 -16.96 -3.56
N VAL A 123 -7.05 -16.43 -3.56
CA VAL A 123 -5.83 -17.27 -3.52
C VAL A 123 -5.34 -17.36 -2.08
N SER A 124 -5.60 -18.50 -1.41
CA SER A 124 -5.20 -18.60 -0.01
C SER A 124 -5.17 -20.07 0.34
N SER A 125 -4.29 -20.41 1.27
CA SER A 125 -4.07 -21.79 1.65
C SER A 125 -5.09 -22.31 2.64
N ALA A 126 -6.00 -21.48 3.12
CA ALA A 126 -6.87 -22.03 4.14
C ALA A 126 -8.09 -22.70 3.48
N SER A 127 -8.85 -23.42 4.31
CA SER A 127 -9.91 -24.31 3.87
C SER A 127 -11.27 -23.85 4.40
N THR A 128 -12.32 -24.36 3.76
CA THR A 128 -13.69 -23.91 4.03
C THR A 128 -14.13 -24.23 5.45
N LYS A 129 -14.82 -23.29 6.10
CA LYS A 129 -15.20 -23.50 7.52
C LYS A 129 -16.49 -22.75 7.86
N GLY A 130 -17.38 -23.41 8.59
CA GLY A 130 -18.63 -22.76 9.03
C GLY A 130 -18.34 -21.76 10.13
N PRO A 131 -19.10 -20.67 10.24
CA PRO A 131 -18.80 -19.64 11.23
C PRO A 131 -19.32 -19.93 12.63
N SER A 132 -18.64 -19.40 13.65
CA SER A 132 -19.12 -19.54 15.05
C SER A 132 -19.80 -18.23 15.45
N VAL A 133 -21.02 -18.30 15.99
CA VAL A 133 -21.75 -17.03 16.28
C VAL A 133 -21.86 -16.81 17.78
N PHE A 134 -21.59 -15.56 18.21
CA PHE A 134 -21.62 -15.24 19.66
C PHE A 134 -22.44 -13.96 19.88
N PRO A 135 -23.12 -13.83 21.03
CA PRO A 135 -23.89 -12.63 21.37
C PRO A 135 -23.06 -11.42 21.79
N LEU A 136 -23.53 -10.26 21.37
CA LEU A 136 -23.13 -8.96 21.92
C LEU A 136 -24.24 -8.43 22.83
N ALA A 137 -24.16 -8.76 24.09
CA ALA A 137 -25.28 -8.57 25.01
C ALA A 137 -25.39 -7.08 25.40
N PRO A 138 -26.60 -6.47 25.50
CA PRO A 138 -26.71 -5.07 25.94
C PRO A 138 -26.34 -4.91 27.42
N SER A 139 -25.57 -3.87 27.74
CA SER A 139 -25.16 -3.62 29.15
C SER A 139 -25.91 -2.39 29.70
N SER A 140 -26.56 -2.54 30.86
CA SER A 140 -27.32 -1.41 31.47
C SER A 140 -26.39 -0.58 32.36
N THR A 147 -31.34 4.68 24.57
CA THR A 147 -31.05 3.85 23.37
C THR A 147 -29.90 2.89 23.69
N ALA A 148 -30.16 1.59 23.63
CA ALA A 148 -29.11 0.57 23.88
C ALA A 148 -28.74 -0.11 22.56
N ALA A 149 -27.65 -0.86 22.55
CA ALA A 149 -27.21 -1.55 21.31
C ALA A 149 -26.87 -3.00 21.62
N LEU A 150 -27.12 -3.88 20.65
CA LEU A 150 -26.76 -5.31 20.81
C LEU A 150 -26.41 -5.87 19.42
N GLY A 151 -25.77 -7.04 19.38
CA GLY A 151 -25.32 -7.55 18.08
C GLY A 151 -24.88 -9.00 18.12
N CYS A 152 -24.34 -9.50 17.01
CA CYS A 152 -23.84 -10.89 16.95
C CYS A 152 -22.44 -10.88 16.32
N LEU A 153 -21.53 -11.70 16.85
CA LEU A 153 -20.15 -11.75 16.31
C LEU A 153 -20.00 -12.99 15.44
N VAL A 154 -19.84 -12.80 14.13
CA VAL A 154 -19.61 -13.95 13.22
C VAL A 154 -18.10 -14.10 13.10
N LYS A 155 -17.52 -15.11 13.76
CA LYS A 155 -16.05 -15.24 13.79
C LYS A 155 -15.59 -16.56 13.18
N ASP A 156 -14.39 -16.58 12.61
CA ASP A 156 -13.80 -17.84 12.08
C ASP A 156 -14.68 -18.44 11.00
N TYR A 157 -14.70 -17.82 9.82
CA TYR A 157 -15.47 -18.40 8.69
C TYR A 157 -14.64 -18.32 7.41
N PHE A 158 -14.90 -19.22 6.46
CA PHE A 158 -14.20 -19.21 5.16
C PHE A 158 -15.04 -20.00 4.16
N PRO A 159 -15.11 -19.57 2.88
CA PRO A 159 -14.59 -18.25 2.49
C PRO A 159 -15.62 -17.12 2.31
N GLU A 160 -15.13 -15.95 1.88
CA GLU A 160 -15.99 -14.83 1.61
C GLU A 160 -16.84 -15.12 0.36
N PRO A 161 -18.03 -14.52 0.23
CA PRO A 161 -18.59 -13.69 1.29
C PRO A 161 -19.72 -14.40 2.07
N VAL A 162 -20.16 -13.70 3.13
CA VAL A 162 -21.33 -14.19 3.91
C VAL A 162 -22.24 -13.00 4.26
N THR A 163 -23.55 -13.18 4.20
CA THR A 163 -24.62 -12.24 4.54
C THR A 163 -25.28 -12.57 5.89
N VAL A 164 -25.77 -11.50 6.52
CA VAL A 164 -26.42 -11.65 7.84
C VAL A 164 -27.65 -10.75 7.91
N SER A 165 -28.74 -11.27 8.44
CA SER A 165 -29.95 -10.50 8.75
C SER A 165 -30.35 -10.63 10.23
N TRP A 166 -31.31 -9.78 10.64
CA TRP A 166 -31.90 -9.73 11.98
C TRP A 166 -33.41 -9.97 11.93
N ASN A 167 -33.93 -10.83 12.82
CA ASN A 167 -35.37 -11.16 12.87
C ASN A 167 -35.84 -11.50 11.47
N SER A 168 -35.03 -12.31 10.78
CA SER A 168 -35.35 -12.82 9.47
C SER A 168 -35.53 -11.70 8.45
N GLY A 169 -34.77 -10.61 8.57
CA GLY A 169 -34.91 -9.52 7.63
C GLY A 169 -35.91 -8.45 8.03
N ALA A 170 -36.58 -8.61 9.15
CA ALA A 170 -37.54 -7.66 9.70
C ALA A 170 -36.87 -6.41 10.31
N LEU A 171 -35.58 -6.43 10.63
CA LEU A 171 -34.91 -5.28 11.25
C LEU A 171 -33.90 -4.65 10.30
N THR A 172 -34.20 -3.43 9.81
CA THR A 172 -33.26 -2.79 8.91
C THR A 172 -32.88 -1.38 9.40
N SER A 173 -33.78 -0.64 10.06
CA SER A 173 -33.42 0.69 10.56
C SER A 173 -32.49 0.49 11.74
N GLY A 174 -31.42 1.25 11.79
CA GLY A 174 -30.50 1.19 12.88
C GLY A 174 -29.61 -0.04 12.83
N VAL A 175 -29.61 -0.76 11.71
CA VAL A 175 -28.78 -1.95 11.59
C VAL A 175 -27.49 -1.52 10.93
N HIS A 176 -26.37 -1.97 11.47
CA HIS A 176 -25.09 -1.86 10.80
C HIS A 176 -24.43 -3.22 10.73
N THR A 177 -24.28 -3.74 9.51
CA THR A 177 -23.53 -5.00 9.31
C THR A 177 -22.15 -4.55 8.87
N PHE A 178 -21.13 -4.78 9.70
CA PHE A 178 -19.80 -4.22 9.38
C PHE A 178 -19.09 -5.01 8.30
N PRO A 179 -18.24 -4.42 7.43
CA PRO A 179 -17.47 -5.23 6.46
C PRO A 179 -16.55 -6.24 7.18
N ALA A 180 -16.29 -7.38 6.53
CA ALA A 180 -15.46 -8.44 7.16
C ALA A 180 -13.98 -8.03 7.20
N VAL A 181 -13.26 -8.49 8.23
CA VAL A 181 -11.80 -8.20 8.34
C VAL A 181 -11.03 -9.52 8.26
N LEU A 182 -10.04 -9.61 7.36
CA LEU A 182 -9.21 -10.83 7.26
C LEU A 182 -8.37 -10.94 8.54
N GLN A 183 -8.53 -12.04 9.28
CA GLN A 183 -7.77 -12.24 10.54
C GLN A 183 -6.41 -12.87 10.23
N SER A 184 -5.45 -12.72 11.12
CA SER A 184 -4.13 -13.31 10.95
C SER A 184 -4.18 -14.83 10.81
N SER A 185 -5.25 -15.50 11.28
CA SER A 185 -5.43 -16.94 11.06
C SER A 185 -5.74 -17.26 9.61
N GLY A 186 -6.04 -16.26 8.80
CA GLY A 186 -6.50 -16.46 7.45
C GLY A 186 -7.98 -16.74 7.34
N LEU A 187 -8.73 -16.63 8.44
CA LEU A 187 -10.18 -16.74 8.43
C LEU A 187 -10.78 -15.35 8.63
N TYR A 188 -11.99 -15.16 8.14
CA TYR A 188 -12.66 -13.88 8.25
C TYR A 188 -13.51 -13.80 9.52
N SER A 189 -13.77 -12.56 9.93
CA SER A 189 -14.65 -12.32 11.10
C SER A 189 -15.39 -11.00 10.85
N LEU A 190 -16.68 -10.94 11.18
CA LEU A 190 -17.44 -9.68 11.03
C LEU A 190 -18.43 -9.53 12.18
N SER A 191 -18.89 -8.31 12.42
CA SER A 191 -19.87 -8.05 13.49
C SER A 191 -21.10 -7.38 12.90
N SER A 192 -22.29 -7.68 13.45
CA SER A 192 -23.51 -6.96 12.99
C SER A 192 -24.21 -6.41 14.22
N VAL A 193 -24.45 -5.10 14.25
CA VAL A 193 -25.05 -4.46 15.42
C VAL A 193 -26.34 -3.75 15.05
N VAL A 194 -27.19 -3.53 16.06
CA VAL A 194 -28.44 -2.77 15.90
C VAL A 194 -28.63 -1.91 17.15
N THR A 195 -29.22 -0.73 16.96
CA THR A 195 -29.57 0.16 18.06
C THR A 195 -31.05 0.13 18.37
N VAL A 196 -31.38 -0.06 19.66
CA VAL A 196 -32.76 -0.27 20.05
C VAL A 196 -33.10 0.56 21.29
N PRO A 197 -34.39 0.71 21.69
CA PRO A 197 -34.73 1.43 22.92
C PRO A 197 -34.26 0.69 24.18
N SER A 198 -33.93 1.44 25.23
CA SER A 198 -33.44 0.83 26.50
C SER A 198 -34.61 0.22 27.27
N SER A 199 -35.84 0.61 26.92
CA SER A 199 -37.05 0.06 27.59
C SER A 199 -37.40 -1.30 26.98
N SER A 200 -36.87 -1.60 25.79
CA SER A 200 -37.16 -2.89 25.11
C SER A 200 -36.24 -4.00 25.65
N LEU A 201 -36.45 -4.40 26.91
CA LEU A 201 -35.62 -5.47 27.53
C LEU A 201 -36.34 -6.81 27.39
N GLY A 202 -36.20 -7.47 26.25
CA GLY A 202 -36.87 -8.77 26.02
C GLY A 202 -38.29 -8.61 25.49
N THR A 203 -38.82 -7.38 25.50
CA THR A 203 -40.17 -7.12 24.95
C THR A 203 -40.18 -7.43 23.45
N GLN A 204 -39.12 -7.03 22.74
CA GLN A 204 -39.00 -7.34 21.28
C GLN A 204 -38.02 -8.50 21.12
N THR A 205 -38.36 -9.49 20.29
CA THR A 205 -37.44 -10.64 20.04
C THR A 205 -36.21 -10.14 19.29
N TYR A 206 -35.01 -10.50 19.76
CA TYR A 206 -33.77 -10.12 19.04
C TYR A 206 -33.06 -11.40 18.60
N ILE A 207 -33.16 -11.70 17.30
CA ILE A 207 -32.54 -12.95 16.77
C ILE A 207 -31.67 -12.56 15.57
N CYS A 208 -30.43 -13.06 15.50
CA CYS A 208 -29.62 -12.74 14.30
C CYS A 208 -29.62 -13.93 13.32
N ASN A 209 -29.85 -13.65 12.05
CA ASN A 209 -29.86 -14.69 11.01
C ASN A 209 -28.60 -14.64 10.12
N VAL A 210 -27.78 -15.68 10.18
CA VAL A 210 -26.46 -15.75 9.52
C VAL A 210 -26.44 -16.83 8.42
N ASN A 211 -26.05 -16.40 7.21
CA ASN A 211 -26.01 -17.32 6.04
C ASN A 211 -24.60 -17.37 5.47
N HIS A 212 -24.05 -18.56 5.31
CA HIS A 212 -22.70 -18.78 4.72
C HIS A 212 -22.90 -19.65 3.48
N LYS A 213 -23.05 -19.01 2.30
CA LYS A 213 -23.36 -19.78 1.09
C LYS A 213 -22.26 -20.73 0.61
N PRO A 214 -20.96 -20.37 0.64
CA PRO A 214 -19.93 -21.31 0.18
C PRO A 214 -19.84 -22.60 0.97
N SER A 215 -20.12 -22.53 2.28
CA SER A 215 -20.08 -23.69 3.16
C SER A 215 -21.47 -24.24 3.49
N ASN A 216 -22.52 -23.71 2.87
CA ASN A 216 -23.89 -24.13 3.14
C ASN A 216 -24.15 -24.13 4.66
N THR A 217 -23.79 -23.04 5.32
CA THR A 217 -23.97 -23.00 6.79
C THR A 217 -24.98 -21.91 7.15
N LYS A 218 -26.06 -22.27 7.86
CA LYS A 218 -27.02 -21.26 8.33
C LYS A 218 -27.19 -21.30 9.86
N VAL A 219 -26.95 -20.17 10.54
CA VAL A 219 -27.10 -20.07 12.00
C VAL A 219 -28.05 -18.94 12.40
N ASP A 220 -28.96 -19.20 13.36
CA ASP A 220 -29.75 -18.16 14.06
C ASP A 220 -29.44 -18.13 15.57
N LYS A 221 -29.02 -16.97 16.12
CA LYS A 221 -28.68 -16.80 17.56
C LYS A 221 -29.48 -15.69 18.25
N LYS A 222 -30.33 -16.03 19.24
CA LYS A 222 -31.05 -15.01 20.04
C LYS A 222 -30.21 -14.30 21.12
N VAL A 223 -30.19 -12.96 21.07
CA VAL A 223 -29.40 -12.16 22.01
C VAL A 223 -30.23 -11.54 23.13
N GLU A 224 -29.86 -11.86 24.38
CA GLU A 224 -30.61 -11.37 25.56
C GLU A 224 -29.64 -10.83 26.61
N PRO A 225 -30.03 -9.89 27.51
CA PRO A 225 -29.14 -9.43 28.58
C PRO A 225 -28.62 -10.58 29.45
N LYS A 226 -27.46 -10.38 30.07
CA LYS A 226 -26.84 -11.45 30.89
C LYS A 226 -27.04 -11.11 32.37
N SER A 227 -27.56 -12.08 33.14
CA SER A 227 -27.75 -11.86 34.60
C SER A 227 -26.56 -12.45 35.37
N CYS A 228 -26.45 -12.11 36.66
CA CYS A 228 -25.36 -12.66 37.50
C CYS A 228 -25.97 -13.49 38.65
N THR B 6 -0.97 0.03 -6.88
CA THR B 6 -2.42 0.03 -6.60
C THR B 6 -2.68 0.65 -5.22
N GLN B 7 -3.41 1.77 -5.18
CA GLN B 7 -3.69 2.47 -3.90
C GLN B 7 -5.19 2.51 -3.63
N SER B 8 -5.57 2.86 -2.41
CA SER B 8 -7.01 3.00 -2.07
C SER B 8 -7.49 4.36 -2.55
N PRO B 9 -8.80 4.56 -2.85
CA PRO B 9 -9.27 5.83 -3.41
C PRO B 9 -8.99 7.08 -2.57
N SER B 10 -8.67 8.20 -3.23
CA SER B 10 -8.49 9.49 -2.50
C SER B 10 -9.87 10.00 -2.10
N SER B 11 -9.94 10.82 -1.05
CA SER B 11 -11.26 11.27 -0.53
C SER B 11 -11.49 12.75 -0.83
N LEU B 12 -12.70 13.11 -1.25
CA LEU B 12 -13.05 14.52 -1.52
C LEU B 12 -14.43 14.79 -0.91
N SER B 13 -14.48 15.61 0.14
CA SER B 13 -15.77 15.87 0.84
C SER B 13 -16.48 17.02 0.10
N ALA B 14 -17.70 16.76 -0.39
CA ALA B 14 -18.40 17.80 -1.22
C ALA B 14 -19.89 17.84 -0.88
N SER B 15 -20.57 18.91 -1.29
CA SER B 15 -22.01 19.07 -1.00
C SER B 15 -22.80 19.14 -2.31
N VAL B 16 -24.05 18.70 -2.29
CA VAL B 16 -24.90 18.84 -3.46
C VAL B 16 -24.83 20.27 -3.98
N GLY B 17 -24.70 20.42 -5.30
CA GLY B 17 -24.55 21.73 -5.93
C GLY B 17 -23.13 22.16 -6.20
N ASP B 18 -22.14 21.43 -5.67
CA ASP B 18 -20.72 21.85 -5.82
C ASP B 18 -20.16 21.50 -7.20
N ARG B 19 -18.96 21.97 -7.51
CA ARG B 19 -18.31 21.66 -8.82
C ARG B 19 -16.98 20.95 -8.53
N VAL B 20 -16.79 19.73 -9.07
CA VAL B 20 -15.56 18.95 -8.75
C VAL B 20 -14.71 18.82 -10.02
N THR B 21 -13.47 19.31 -9.99
CA THR B 21 -12.55 19.18 -11.16
C THR B 21 -11.40 18.23 -10.79
N ILE B 22 -11.45 16.98 -11.27
CA ILE B 22 -10.39 15.99 -10.97
C ILE B 22 -9.39 15.96 -12.11
N THR B 23 -8.10 15.85 -11.81
CA THR B 23 -7.02 15.79 -12.84
C THR B 23 -6.46 14.38 -12.88
N CYS B 24 -5.98 13.93 -14.05
CA CYS B 24 -5.48 12.54 -14.18
C CYS B 24 -3.95 12.53 -14.05
N ARG B 25 -3.42 11.66 -13.19
CA ARG B 25 -1.96 11.60 -12.95
C ARG B 25 -1.32 10.50 -13.80
N ALA B 26 -2.05 9.40 -14.03
CA ALA B 26 -1.52 8.28 -14.83
C ALA B 26 -1.14 8.78 -16.22
N SER B 27 0.15 8.79 -16.54
CA SER B 27 0.64 9.32 -17.83
C SER B 27 -0.37 10.29 -18.44
N SER B 31 -0.92 11.28 -26.49
CA SER B 31 -1.83 10.14 -26.72
C SER B 31 -3.25 10.66 -26.88
N SER B 32 -3.66 11.64 -26.07
CA SER B 32 -5.05 12.17 -26.11
C SER B 32 -6.05 11.07 -25.76
N ALA B 33 -5.55 9.93 -25.27
CA ALA B 33 -6.43 8.79 -24.97
C ALA B 33 -6.75 8.76 -23.49
N VAL B 34 -7.57 9.71 -23.02
CA VAL B 34 -7.98 9.67 -21.59
C VAL B 34 -9.46 9.29 -21.52
N ALA B 35 -9.80 8.43 -20.58
CA ALA B 35 -11.22 8.05 -20.39
C ALA B 35 -11.51 8.09 -18.91
N TRP B 36 -12.74 8.42 -18.55
CA TRP B 36 -13.07 8.58 -17.11
C TRP B 36 -14.22 7.63 -16.76
N TYR B 37 -14.19 7.06 -15.56
CA TYR B 37 -15.21 6.05 -15.20
C TYR B 37 -15.79 6.30 -13.81
N GLN B 38 -17.05 5.93 -13.63
CA GLN B 38 -17.71 6.06 -12.31
C GLN B 38 -18.00 4.65 -11.80
N GLN B 39 -17.74 4.42 -10.52
CA GLN B 39 -18.04 3.12 -9.93
C GLN B 39 -18.75 3.28 -8.60
N LYS B 40 -19.84 2.54 -8.44
CA LYS B 40 -20.41 2.57 -7.10
C LYS B 40 -20.18 1.20 -6.46
N PRO B 41 -20.13 1.11 -5.13
CA PRO B 41 -19.74 -0.16 -4.50
C PRO B 41 -20.61 -1.33 -4.93
N GLY B 42 -19.96 -2.45 -5.22
CA GLY B 42 -20.61 -3.68 -5.60
C GLY B 42 -21.07 -3.79 -7.04
N LYS B 43 -20.75 -2.81 -7.89
CA LYS B 43 -21.21 -2.87 -9.28
C LYS B 43 -20.02 -2.68 -10.21
N ALA B 44 -20.17 -3.09 -11.47
CA ALA B 44 -19.08 -2.87 -12.37
C ALA B 44 -18.98 -1.38 -12.72
N PRO B 45 -17.78 -0.91 -13.08
CA PRO B 45 -17.62 0.48 -13.53
C PRO B 45 -18.44 0.79 -14.77
N LYS B 46 -18.73 2.08 -14.91
CA LYS B 46 -19.49 2.65 -16.01
C LYS B 46 -18.70 3.77 -16.69
N LEU B 47 -18.67 3.71 -18.02
CA LEU B 47 -17.94 4.70 -18.81
C LEU B 47 -18.68 6.03 -18.77
N LEU B 48 -17.95 7.10 -18.46
CA LEU B 48 -18.55 8.44 -18.48
C LEU B 48 -18.11 9.25 -19.70
N ILE B 49 -16.81 9.40 -19.88
CA ILE B 49 -16.18 10.25 -20.88
C ILE B 49 -15.09 9.40 -21.51
N TYR B 50 -15.01 9.45 -22.85
CA TYR B 50 -13.94 8.81 -23.60
C TYR B 50 -13.28 9.81 -24.51
N SER B 51 -12.05 9.50 -24.93
CA SER B 51 -11.28 10.38 -25.81
C SER B 51 -11.22 11.82 -25.29
N ALA B 52 -10.92 11.93 -24.00
CA ALA B 52 -10.70 13.18 -23.27
C ALA B 52 -11.95 14.02 -23.03
N SER B 53 -12.83 14.13 -24.01
CA SER B 53 -13.90 15.10 -23.95
C SER B 53 -15.24 14.66 -24.51
N SER B 54 -15.38 13.42 -24.98
CA SER B 54 -16.65 12.98 -25.57
C SER B 54 -17.58 12.35 -24.52
N LEU B 55 -18.82 12.88 -24.45
CA LEU B 55 -19.81 12.36 -23.51
C LEU B 55 -20.45 11.09 -24.02
N TYR B 56 -20.36 10.02 -23.22
CA TYR B 56 -20.94 8.73 -23.57
C TYR B 56 -22.47 8.74 -23.48
N SER B 57 -23.09 7.98 -24.39
CA SER B 57 -24.54 7.81 -24.48
C SER B 57 -25.17 7.54 -23.12
N GLY B 58 -26.21 8.31 -22.81
CA GLY B 58 -26.98 8.11 -21.60
C GLY B 58 -26.41 8.79 -20.37
N VAL B 59 -25.25 9.42 -20.48
CA VAL B 59 -24.64 10.07 -19.34
C VAL B 59 -25.19 11.48 -19.25
N PRO B 60 -25.50 11.96 -18.05
CA PRO B 60 -26.04 13.33 -17.93
C PRO B 60 -25.05 14.39 -18.43
N SER B 61 -25.61 15.50 -18.95
CA SER B 61 -24.84 16.56 -19.57
C SER B 61 -23.93 17.30 -18.60
N ARG B 62 -24.21 17.16 -17.29
CA ARG B 62 -23.40 17.87 -16.26
C ARG B 62 -21.95 17.37 -16.28
N PHE B 63 -21.72 16.17 -16.81
CA PHE B 63 -20.36 15.59 -16.83
C PHE B 63 -19.60 16.10 -18.06
N SER B 64 -18.36 16.55 -17.85
CA SER B 64 -17.53 17.04 -18.97
C SER B 64 -16.04 16.74 -18.78
N GLY B 65 -15.34 16.75 -19.91
CA GLY B 65 -13.90 16.53 -19.94
C GLY B 65 -13.19 17.61 -20.75
N SER B 66 -11.93 17.88 -20.42
CA SER B 66 -11.14 18.89 -21.16
C SER B 66 -9.67 18.51 -21.19
N ARG B 67 -8.89 19.09 -22.10
CA ARG B 67 -7.44 18.82 -22.15
C ARG B 67 -6.65 20.13 -22.26
N SER B 68 -5.68 20.34 -21.37
CA SER B 68 -4.80 21.53 -21.43
C SER B 68 -3.36 21.07 -21.27
N GLY B 69 -2.72 20.67 -22.37
CA GLY B 69 -1.36 20.12 -22.29
C GLY B 69 -1.39 18.68 -21.82
N THR B 70 -0.59 18.35 -20.80
CA THR B 70 -0.61 16.97 -20.23
C THR B 70 -1.67 16.95 -19.13
N ASP B 71 -2.51 17.99 -19.06
CA ASP B 71 -3.51 18.08 -17.96
C ASP B 71 -4.88 17.71 -18.51
N PHE B 72 -5.32 16.47 -18.27
CA PHE B 72 -6.68 16.04 -18.69
C PHE B 72 -7.58 16.14 -17.46
N THR B 73 -8.83 16.58 -17.62
CA THR B 73 -9.66 16.84 -16.43
C THR B 73 -11.11 16.39 -16.58
N LEU B 74 -11.70 15.84 -15.52
CA LEU B 74 -13.15 15.50 -15.54
C LEU B 74 -13.83 16.52 -14.63
N THR B 75 -14.90 17.15 -15.09
CA THR B 75 -15.54 18.20 -14.28
C THR B 75 -17.03 17.95 -14.16
N ILE B 76 -17.56 17.88 -12.95
CA ILE B 76 -19.04 17.77 -12.78
C ILE B 76 -19.52 19.19 -12.47
N SER B 77 -20.43 19.74 -13.27
CA SER B 77 -20.84 21.14 -13.06
C SER B 77 -21.63 21.36 -11.76
N SER B 78 -22.51 20.39 -11.44
CA SER B 78 -23.35 20.52 -10.24
C SER B 78 -23.51 19.15 -9.60
N LEU B 79 -23.03 18.98 -8.37
CA LEU B 79 -23.08 17.62 -7.76
C LEU B 79 -24.52 17.27 -7.44
N GLN B 80 -24.98 16.12 -7.93
CA GLN B 80 -26.35 15.65 -7.63
C GLN B 80 -26.23 14.41 -6.73
N PRO B 81 -27.27 14.02 -5.97
CA PRO B 81 -27.16 12.92 -5.01
C PRO B 81 -26.51 11.64 -5.55
N GLU B 82 -26.77 11.28 -6.81
CA GLU B 82 -26.27 9.97 -7.33
C GLU B 82 -24.90 10.14 -7.95
N ASP B 83 -24.28 11.31 -7.79
CA ASP B 83 -22.92 11.54 -8.32
C ASP B 83 -21.88 11.18 -7.26
N PHE B 84 -22.32 10.86 -6.04
CA PHE B 84 -21.37 10.54 -4.95
C PHE B 84 -20.92 9.08 -5.11
N ALA B 85 -19.72 8.89 -5.66
CA ALA B 85 -19.17 7.54 -5.88
C ALA B 85 -17.67 7.68 -6.13
N THR B 86 -17.04 6.65 -6.67
CA THR B 86 -15.62 6.76 -6.95
C THR B 86 -15.39 6.97 -8.45
N TYR B 87 -14.42 7.82 -8.77
CA TYR B 87 -14.15 8.16 -10.19
C TYR B 87 -12.72 7.78 -10.55
N TYR B 88 -12.53 7.11 -11.69
CA TYR B 88 -11.22 6.64 -12.12
C TYR B 88 -10.92 7.20 -13.50
N CYS B 89 -9.64 7.53 -13.74
CA CYS B 89 -9.20 7.97 -15.10
C CYS B 89 -8.37 6.85 -15.74
N GLN B 90 -8.28 6.79 -17.07
CA GLN B 90 -7.50 5.76 -17.78
C GLN B 90 -6.68 6.42 -18.87
N GLN B 91 -5.45 5.95 -19.08
CA GLN B 91 -4.55 6.55 -20.08
C GLN B 91 -3.84 5.42 -20.81
N SER B 92 -3.79 5.50 -22.15
CA SER B 92 -3.14 4.44 -22.96
C SER B 92 -1.64 4.71 -23.07
N ASN B 93 -0.84 4.07 -22.22
CA ASN B 93 0.64 4.28 -22.22
C ASN B 93 1.27 3.26 -23.14
N THR B 94 1.46 3.60 -24.41
CA THR B 94 2.00 2.62 -25.41
C THR B 94 1.30 1.28 -25.22
N GLU B 95 2.07 0.22 -25.08
CA GLU B 95 1.49 -1.12 -24.87
C GLU B 95 1.27 -1.30 -23.37
N LEU B 96 0.52 -0.40 -22.74
CA LEU B 96 0.21 -0.53 -21.30
C LEU B 96 -0.99 0.35 -20.98
N VAL B 97 -1.89 -0.12 -20.10
CA VAL B 97 -3.08 0.67 -19.70
C VAL B 97 -2.90 1.07 -18.23
N THR B 98 -3.21 2.32 -17.90
CA THR B 98 -2.96 2.81 -16.54
C THR B 98 -4.18 3.53 -15.99
N PHE B 99 -4.82 2.97 -14.98
CA PHE B 99 -5.89 3.65 -14.29
C PHE B 99 -5.30 4.56 -13.22
N GLY B 100 -5.94 5.71 -13.03
CA GLY B 100 -5.67 6.56 -11.88
C GLY B 100 -6.04 5.90 -10.57
N GLN B 101 -5.54 6.52 -9.48
CA GLN B 101 -5.71 6.00 -8.11
C GLN B 101 -7.15 6.02 -7.60
N GLY B 102 -8.02 6.82 -8.20
CA GLY B 102 -9.41 6.92 -7.80
C GLY B 102 -9.72 8.06 -6.84
N THR B 103 -10.90 8.65 -7.00
CA THR B 103 -11.41 9.70 -6.13
C THR B 103 -12.79 9.29 -5.65
N LYS B 104 -12.95 9.01 -4.36
CA LYS B 104 -14.28 8.71 -3.86
C LYS B 104 -14.85 10.06 -3.45
N VAL B 105 -16.00 10.43 -4.02
CA VAL B 105 -16.66 11.68 -3.66
C VAL B 105 -17.72 11.36 -2.62
N GLU B 106 -17.50 11.88 -1.41
CA GLU B 106 -18.33 11.69 -0.23
C GLU B 106 -19.05 12.98 0.06
N ILE B 107 -20.13 12.88 0.84
CA ILE B 107 -20.99 14.07 1.11
C ILE B 107 -20.48 14.81 2.35
N LYS B 108 -20.60 16.14 2.37
CA LYS B 108 -20.25 16.92 3.59
C LYS B 108 -21.51 17.02 4.48
N ARG B 109 -21.33 16.98 5.79
CA ARG B 109 -22.49 17.13 6.72
C ARG B 109 -22.04 17.73 8.05
N THR B 110 -22.99 17.88 9.00
CA THR B 110 -22.68 18.51 10.31
C THR B 110 -21.94 17.53 11.21
N VAL B 111 -20.89 17.98 11.88
CA VAL B 111 -20.10 17.11 12.79
C VAL B 111 -21.05 16.41 13.77
N ALA B 112 -20.96 15.09 13.88
CA ALA B 112 -21.83 14.33 14.81
C ALA B 112 -20.96 13.41 15.65
N ALA B 113 -21.21 13.37 16.96
CA ALA B 113 -20.42 12.48 17.81
C ALA B 113 -20.94 11.04 17.74
N PRO B 114 -20.04 10.07 17.85
CA PRO B 114 -20.43 8.66 17.93
C PRO B 114 -21.00 8.35 19.32
N SER B 115 -21.95 7.41 19.36
CA SER B 115 -22.31 6.68 20.56
C SER B 115 -21.42 5.45 20.73
N VAL B 116 -20.75 5.41 21.88
CA VAL B 116 -19.74 4.34 22.14
C VAL B 116 -20.33 3.26 23.05
N PHE B 117 -20.10 2.01 22.69
CA PHE B 117 -20.56 0.85 23.45
C PHE B 117 -19.41 -0.17 23.49
N ILE B 118 -19.32 -0.89 24.61
CA ILE B 118 -18.27 -1.93 24.77
C ILE B 118 -18.95 -3.27 25.05
N PHE B 119 -18.41 -4.35 24.49
CA PHE B 119 -18.98 -5.69 24.62
C PHE B 119 -17.93 -6.67 25.15
N PRO B 120 -18.15 -7.26 26.35
CA PRO B 120 -17.24 -8.27 26.87
C PRO B 120 -17.40 -9.55 26.04
N PRO B 121 -16.46 -10.51 26.11
CA PRO B 121 -16.60 -11.78 25.40
C PRO B 121 -17.80 -12.52 25.93
N SER B 122 -18.33 -13.40 25.06
CA SER B 122 -19.46 -14.26 25.47
C SER B 122 -18.93 -15.48 26.23
N ASP B 123 -19.55 -15.82 27.35
CA ASP B 123 -19.15 -17.03 28.14
C ASP B 123 -18.99 -18.20 27.16
N SER B 124 -19.80 -18.21 26.11
CA SER B 124 -19.72 -19.28 25.08
C SER B 124 -18.32 -19.32 24.48
N GLN B 125 -17.83 -18.20 23.96
CA GLN B 125 -16.52 -18.19 23.26
C GLN B 125 -15.40 -18.57 24.22
N LEU B 126 -15.47 -18.07 25.45
CA LEU B 126 -14.37 -18.34 26.39
C LEU B 126 -14.03 -19.84 26.34
N LYS B 127 -15.05 -20.68 26.19
CA LYS B 127 -14.84 -22.15 26.12
C LYS B 127 -13.98 -22.47 24.89
N SER B 128 -14.20 -21.78 23.78
CA SER B 128 -13.44 -22.06 22.54
C SER B 128 -11.95 -21.84 22.78
N GLY B 129 -11.59 -20.92 23.69
CA GLY B 129 -10.18 -20.67 24.01
C GLY B 129 -9.72 -19.30 23.56
N THR B 130 -10.65 -18.48 23.05
CA THR B 130 -10.31 -17.13 22.57
C THR B 130 -11.28 -16.13 23.18
N ALA B 131 -10.85 -14.89 23.35
CA ALA B 131 -11.72 -13.84 23.89
C ALA B 131 -11.72 -12.65 22.95
N SER B 132 -12.88 -12.31 22.40
CA SER B 132 -13.06 -11.10 21.59
C SER B 132 -13.87 -10.07 22.35
N VAL B 133 -13.28 -8.89 22.51
CA VAL B 133 -13.93 -7.73 23.12
C VAL B 133 -14.21 -6.74 21.99
N VAL B 134 -15.43 -6.20 21.94
CA VAL B 134 -15.88 -5.38 20.81
C VAL B 134 -16.23 -3.98 21.28
N CYS B 135 -15.76 -2.96 20.54
CA CYS B 135 -16.13 -1.55 20.82
C CYS B 135 -16.89 -1.03 19.61
N LEU B 136 -18.12 -0.56 19.81
CA LEU B 136 -19.00 -0.08 18.75
C LEU B 136 -19.07 1.45 18.78
N LEU B 137 -18.75 2.07 17.65
CA LEU B 137 -18.90 3.50 17.42
C LEU B 137 -20.05 3.78 16.47
N ASN B 138 -21.12 4.43 16.95
CA ASN B 138 -22.32 4.51 16.08
C ASN B 138 -22.71 5.89 15.54
N ASN B 139 -22.70 6.07 14.22
CA ASN B 139 -23.29 7.22 13.54
C ASN B 139 -22.59 8.55 13.87
N PHE B 140 -21.36 8.66 13.34
CA PHE B 140 -20.51 9.82 13.53
C PHE B 140 -20.06 10.45 12.20
N TYR B 141 -19.51 11.66 12.30
CA TYR B 141 -18.94 12.36 11.13
C TYR B 141 -18.05 13.48 11.65
N PRO B 142 -16.76 13.59 11.23
CA PRO B 142 -16.26 12.89 10.05
C PRO B 142 -15.73 11.49 10.36
N ARG B 143 -15.23 10.80 9.32
CA ARG B 143 -14.74 9.41 9.49
C ARG B 143 -13.58 9.42 10.47
N GLU B 144 -12.74 10.45 10.40
CA GLU B 144 -11.54 10.50 11.27
C GLU B 144 -11.94 10.16 12.69
N ALA B 145 -11.44 9.03 13.22
CA ALA B 145 -11.74 8.62 14.61
C ALA B 145 -10.55 7.84 15.15
N LYS B 146 -10.28 7.94 16.44
CA LYS B 146 -9.19 7.15 17.04
C LYS B 146 -9.76 6.21 18.10
N VAL B 147 -9.50 4.91 17.97
CA VAL B 147 -9.95 3.93 19.00
C VAL B 147 -8.72 3.33 19.67
N GLN B 148 -8.55 3.59 20.96
CA GLN B 148 -7.38 3.06 21.71
C GLN B 148 -7.88 2.08 22.78
N TRP B 149 -7.34 0.87 22.77
CA TRP B 149 -7.74 -0.14 23.78
C TRP B 149 -6.78 -0.07 24.96
N LYS B 150 -7.31 -0.21 26.19
CA LYS B 150 -6.47 -0.24 27.36
C LYS B 150 -6.87 -1.47 28.15
N VAL B 151 -5.87 -2.22 28.59
CA VAL B 151 -6.12 -3.39 29.42
C VAL B 151 -5.34 -3.15 30.70
N ASP B 152 -6.07 -3.02 31.82
CA ASP B 152 -5.51 -2.54 33.08
C ASP B 152 -4.65 -1.28 32.86
N ASN B 153 -5.14 -0.37 32.01
CA ASN B 153 -4.48 0.92 31.69
C ASN B 153 -3.21 0.76 30.86
N ALA B 154 -2.94 -0.42 30.30
CA ALA B 154 -1.79 -0.54 29.42
C ALA B 154 -2.34 -0.27 28.03
N LEU B 155 -1.75 0.70 27.31
CA LEU B 155 -2.26 1.00 25.98
C LEU B 155 -1.94 -0.16 25.06
N GLN B 156 -2.95 -0.63 24.31
CA GLN B 156 -2.79 -1.77 23.41
C GLN B 156 -2.50 -1.35 22.00
N SER B 157 -1.67 -2.15 21.33
CA SER B 157 -1.37 -1.90 19.90
C SER B 157 -1.10 -3.23 19.19
N GLY B 158 -1.79 -3.47 18.07
CA GLY B 158 -1.54 -4.64 17.24
C GLY B 158 -2.35 -5.88 17.54
N ASN B 159 -3.31 -5.82 18.46
CA ASN B 159 -4.11 -6.97 18.83
C ASN B 159 -5.58 -6.62 18.66
N SER B 160 -5.86 -5.64 17.82
CA SER B 160 -7.21 -5.25 17.45
C SER B 160 -7.35 -5.03 15.94
N GLN B 161 -8.59 -5.09 15.49
CA GLN B 161 -8.87 -4.80 14.10
C GLN B 161 -10.18 -4.03 14.05
N GLU B 162 -10.26 -3.15 13.07
CA GLU B 162 -11.41 -2.31 12.92
C GLU B 162 -11.94 -2.42 11.51
N SER B 163 -13.23 -2.17 11.37
CA SER B 163 -13.89 -2.06 10.09
C SER B 163 -14.86 -0.92 10.27
N VAL B 164 -15.06 -0.16 9.20
CA VAL B 164 -15.92 1.02 9.22
C VAL B 164 -16.90 0.84 8.08
N THR B 165 -18.16 1.21 8.32
CA THR B 165 -19.14 1.14 7.24
C THR B 165 -18.93 2.27 6.24
N GLU B 166 -19.61 2.15 5.12
CA GLU B 166 -19.74 3.24 4.17
C GLU B 166 -20.80 4.22 4.66
N GLN B 167 -20.82 5.41 4.06
CA GLN B 167 -21.75 6.45 4.49
C GLN B 167 -23.19 5.95 4.44
N ASP B 168 -23.94 6.24 5.50
CA ASP B 168 -25.34 5.78 5.61
C ASP B 168 -26.19 6.56 4.61
N SER B 169 -27.20 5.91 4.04
CA SER B 169 -28.04 6.57 3.01
C SER B 169 -28.71 7.81 3.60
N LYS B 170 -29.23 7.69 4.83
CA LYS B 170 -29.99 8.81 5.42
C LYS B 170 -29.07 9.68 6.28
N ASP B 171 -28.35 9.08 7.22
CA ASP B 171 -27.52 9.86 8.18
C ASP B 171 -26.32 10.51 7.49
N SER B 172 -25.82 9.92 6.41
CA SER B 172 -24.57 10.42 5.77
C SER B 172 -23.44 10.33 6.80
N THR B 173 -23.57 9.42 7.75
CA THR B 173 -22.55 9.24 8.82
C THR B 173 -21.69 8.02 8.52
N TYR B 174 -20.95 7.54 9.52
CA TYR B 174 -20.15 6.32 9.36
C TYR B 174 -20.24 5.54 10.67
N SER B 175 -20.08 4.22 10.63
CA SER B 175 -20.01 3.46 11.88
C SER B 175 -18.75 2.60 11.82
N LEU B 176 -18.21 2.29 13.00
CA LEU B 176 -16.94 1.58 13.10
C LEU B 176 -17.05 0.57 14.23
N SER B 177 -16.49 -0.63 14.04
CA SER B 177 -16.38 -1.62 15.10
C SER B 177 -14.90 -1.97 15.24
N SER B 178 -14.41 -1.98 16.46
CA SER B 178 -13.04 -2.42 16.70
C SER B 178 -13.09 -3.64 17.59
N THR B 179 -12.34 -4.66 17.21
CA THR B 179 -12.34 -5.89 17.97
C THR B 179 -10.97 -6.15 18.55
N LEU B 180 -10.92 -6.31 19.88
CA LEU B 180 -9.73 -6.75 20.59
C LEU B 180 -9.82 -8.25 20.84
N THR B 181 -8.80 -9.00 20.37
CA THR B 181 -8.74 -10.45 20.48
C THR B 181 -7.58 -10.92 21.36
N LEU B 182 -7.89 -11.70 22.39
CA LEU B 182 -6.89 -12.28 23.29
C LEU B 182 -7.16 -13.75 23.45
N SER B 183 -6.12 -14.50 23.82
CA SER B 183 -6.39 -15.85 24.27
C SER B 183 -7.18 -15.78 25.57
N LYS B 184 -7.89 -16.87 25.87
CA LYS B 184 -8.63 -16.94 27.13
C LYS B 184 -7.71 -16.75 28.31
N ALA B 185 -6.56 -17.44 28.31
CA ALA B 185 -5.62 -17.33 29.43
C ALA B 185 -5.16 -15.90 29.65
N ASP B 186 -4.83 -15.18 28.60
CA ASP B 186 -4.39 -13.79 28.79
C ASP B 186 -5.55 -12.95 29.31
N TYR B 187 -6.76 -13.25 28.83
CA TYR B 187 -7.97 -12.51 29.30
C TYR B 187 -8.15 -12.71 30.80
N GLU B 188 -7.94 -13.93 31.30
CA GLU B 188 -8.18 -14.24 32.74
C GLU B 188 -7.06 -13.66 33.62
N LYS B 189 -6.10 -12.94 33.01
CA LYS B 189 -4.96 -12.37 33.77
C LYS B 189 -5.18 -10.88 34.03
N HIS B 190 -6.18 -10.28 33.40
CA HIS B 190 -6.37 -8.81 33.54
C HIS B 190 -7.77 -8.52 34.11
N LYS B 191 -8.08 -7.25 34.36
CA LYS B 191 -9.39 -6.92 35.00
C LYS B 191 -10.10 -5.79 34.26
N VAL B 192 -9.45 -4.64 34.07
CA VAL B 192 -10.19 -3.53 33.47
C VAL B 192 -9.99 -3.50 31.94
N TYR B 193 -11.08 -3.60 31.18
CA TYR B 193 -10.97 -3.49 29.70
C TYR B 193 -11.70 -2.24 29.23
N ALA B 194 -11.00 -1.35 28.51
CA ALA B 194 -11.62 -0.05 28.12
C ALA B 194 -11.29 0.35 26.69
N CYS B 195 -12.25 0.97 25.98
CA CYS B 195 -11.94 1.52 24.63
C CYS B 195 -12.10 3.05 24.71
N GLU B 196 -11.01 3.78 24.51
CA GLU B 196 -11.05 5.26 24.51
C GLU B 196 -11.31 5.76 23.10
N VAL B 197 -12.25 6.68 22.93
CA VAL B 197 -12.64 7.13 21.56
C VAL B 197 -12.40 8.63 21.38
N THR B 198 -11.47 8.98 20.51
CA THR B 198 -11.21 10.38 20.18
C THR B 198 -11.87 10.76 18.87
N HIS B 199 -12.66 11.82 18.91
CA HIS B 199 -13.37 12.27 17.71
C HIS B 199 -13.67 13.76 17.88
N GLN B 200 -13.64 14.46 16.76
CA GLN B 200 -13.86 15.88 16.76
C GLN B 200 -15.19 16.26 17.43
N GLY B 201 -16.20 15.36 17.38
CA GLY B 201 -17.50 15.69 17.96
C GLY B 201 -17.61 15.49 19.47
N LEU B 202 -16.60 14.90 20.11
CA LEU B 202 -16.57 14.77 21.56
C LEU B 202 -15.63 15.84 22.09
N SER B 203 -16.09 16.59 23.09
CA SER B 203 -15.24 17.65 23.62
C SER B 203 -14.01 17.09 24.32
N SER B 204 -14.10 15.84 24.80
CA SER B 204 -12.94 15.12 25.33
C SER B 204 -13.15 13.64 25.03
N PRO B 205 -12.08 12.83 25.05
CA PRO B 205 -12.22 11.42 24.70
C PRO B 205 -13.21 10.70 25.60
N VAL B 206 -14.07 9.88 25.00
CA VAL B 206 -15.06 9.10 25.79
C VAL B 206 -14.49 7.69 26.02
N THR B 207 -14.50 7.23 27.27
CA THR B 207 -13.94 5.89 27.58
C THR B 207 -15.05 4.97 28.08
N LYS B 208 -15.26 3.83 27.42
CA LYS B 208 -16.24 2.82 27.89
C LYS B 208 -15.45 1.64 28.46
N SER B 209 -15.85 1.11 29.61
CA SER B 209 -15.08 0.07 30.28
C SER B 209 -16.01 -0.86 31.07
N PHE B 210 -15.45 -2.02 31.45
CA PHE B 210 -16.21 -2.99 32.27
C PHE B 210 -15.21 -3.71 33.19
N ASN B 211 -15.64 -4.29 34.30
CA ASN B 211 -14.65 -5.05 35.10
C ASN B 211 -14.91 -6.55 34.89
N ARG B 212 -13.90 -7.28 34.41
CA ARG B 212 -14.07 -8.73 34.13
C ARG B 212 -14.54 -9.41 35.41
N GLY B 213 -15.69 -10.08 35.36
CA GLY B 213 -16.26 -10.68 36.56
C GLY B 213 -17.48 -10.00 37.13
N GLU B 214 -17.70 -8.73 36.77
CA GLU B 214 -18.94 -8.05 37.21
C GLU B 214 -19.64 -8.06 35.86
N CYS B 215 -20.37 -9.15 35.56
CA CYS B 215 -21.06 -9.30 34.24
C CYS B 215 -20.08 -8.96 33.11
N GLU C 4 35.14 -1.83 17.25
CA GLU C 4 34.03 -2.68 17.77
C GLU C 4 33.40 -3.44 16.60
N VAL C 5 32.41 -4.29 16.89
CA VAL C 5 31.70 -4.95 15.77
C VAL C 5 31.06 -3.83 14.94
N GLN C 6 31.40 -3.74 13.65
CA GLN C 6 30.88 -2.64 12.81
C GLN C 6 30.59 -3.15 11.40
N LEU C 7 29.45 -2.78 10.83
CA LEU C 7 29.11 -3.18 9.44
C LEU C 7 29.12 -1.93 8.57
N VAL C 8 30.15 -1.78 7.73
CA VAL C 8 30.28 -0.59 6.85
C VAL C 8 29.77 -0.94 5.47
N GLU C 9 29.02 -0.05 4.82
CA GLU C 9 28.40 -0.41 3.53
C GLU C 9 28.82 0.51 2.40
N SER C 10 28.69 0.00 1.17
CA SER C 10 29.06 0.78 -0.04
C SER C 10 28.32 0.18 -1.22
N GLY C 11 28.23 0.90 -2.33
CA GLY C 11 27.63 0.33 -3.55
C GLY C 11 26.26 0.88 -3.84
N GLY C 12 25.76 1.77 -2.98
CA GLY C 12 24.46 2.40 -3.25
C GLY C 12 24.58 3.48 -4.31
N GLY C 13 23.50 3.72 -5.04
CA GLY C 13 23.55 4.79 -6.01
C GLY C 13 22.34 4.79 -6.90
N LEU C 14 22.42 5.54 -8.00
CA LEU C 14 21.28 5.62 -8.95
C LEU C 14 21.50 4.63 -10.10
N VAL C 15 20.51 3.79 -10.36
CA VAL C 15 20.61 2.79 -11.47
C VAL C 15 19.33 2.90 -12.29
N GLN C 16 19.44 2.74 -13.61
CA GLN C 16 18.26 2.85 -14.50
C GLN C 16 17.48 1.54 -14.45
N PRO C 17 16.17 1.56 -14.74
CA PRO C 17 15.40 0.34 -14.76
C PRO C 17 16.07 -0.72 -15.62
N GLY C 18 16.18 -1.95 -15.11
CA GLY C 18 16.77 -3.06 -15.88
C GLY C 18 18.25 -3.20 -15.59
N GLY C 19 18.79 -2.34 -14.76
CA GLY C 19 20.25 -2.35 -14.51
C GLY C 19 20.64 -3.10 -13.27
N SER C 20 21.91 -2.97 -12.86
CA SER C 20 22.39 -3.72 -11.71
C SER C 20 23.25 -2.83 -10.81
N LEU C 21 23.34 -3.29 -9.56
CA LEU C 21 24.17 -2.71 -8.52
C LEU C 21 24.70 -3.83 -7.68
N ARG C 22 25.87 -3.60 -7.08
CA ARG C 22 26.42 -4.53 -6.10
C ARG C 22 26.54 -3.79 -4.76
N LEU C 23 25.80 -4.25 -3.75
CA LEU C 23 26.00 -3.65 -2.44
C LEU C 23 27.06 -4.46 -1.70
N SER C 24 27.84 -3.77 -0.86
CA SER C 24 28.84 -4.46 -0.06
C SER C 24 28.65 -4.17 1.42
N CYS C 25 28.99 -5.14 2.27
CA CYS C 25 28.89 -4.93 3.71
C CYS C 25 30.18 -5.48 4.33
N ALA C 26 31.15 -4.61 4.63
CA ALA C 26 32.41 -5.07 5.22
C ALA C 26 32.33 -5.07 6.76
N ALA C 27 32.51 -6.24 7.37
CA ALA C 27 32.49 -6.41 8.82
C ALA C 27 33.85 -6.21 9.45
N SER C 28 33.86 -5.52 10.59
CA SER C 28 35.04 -5.38 11.44
C SER C 28 34.67 -5.85 12.85
N GLY C 29 35.64 -6.47 13.53
CA GLY C 29 35.49 -6.90 14.90
C GLY C 29 34.88 -8.27 15.15
N PHE C 30 34.55 -9.03 14.11
CA PHE C 30 34.01 -10.38 14.31
C PHE C 30 34.19 -11.10 12.98
N ASN C 31 34.07 -12.42 13.00
CA ASN C 31 34.28 -13.21 11.80
C ASN C 31 32.94 -13.67 11.21
N ILE C 32 32.66 -13.29 9.97
CA ILE C 32 31.36 -13.62 9.32
C ILE C 32 31.13 -15.13 9.36
N TYR C 33 32.18 -15.94 9.28
CA TYR C 33 32.08 -17.39 9.35
C TYR C 33 31.03 -17.82 10.38
N TYR C 34 31.21 -17.36 11.62
CA TYR C 34 30.27 -17.76 12.71
C TYR C 34 29.13 -16.74 12.81
N SER C 35 28.50 -16.43 11.68
CA SER C 35 27.40 -15.45 11.68
C SER C 35 26.52 -15.65 10.45
N SER C 36 25.47 -14.84 10.34
CA SER C 36 24.56 -14.91 9.18
C SER C 36 24.24 -13.49 8.75
N ILE C 37 24.78 -13.03 7.63
CA ILE C 37 24.56 -11.61 7.20
C ILE C 37 23.21 -11.53 6.49
N HIS C 38 22.40 -10.53 6.84
CA HIS C 38 21.05 -10.37 6.26
C HIS C 38 20.90 -8.99 5.64
N TRP C 39 20.09 -8.87 4.60
CA TRP C 39 19.78 -7.58 4.00
C TRP C 39 18.33 -7.24 4.26
N VAL C 40 18.10 -6.01 4.70
CA VAL C 40 16.78 -5.49 5.01
C VAL C 40 16.66 -4.14 4.36
N ARG C 41 15.52 -3.90 3.74
CA ARG C 41 15.27 -2.64 3.03
C ARG C 41 14.08 -1.92 3.61
N GLN C 42 14.03 -0.62 3.29
CA GLN C 42 12.98 0.24 3.80
C GLN C 42 12.78 1.33 2.77
N ALA C 43 11.59 1.36 2.18
CA ALA C 43 11.21 2.42 1.26
C ALA C 43 10.79 3.65 2.06
N PRO C 44 10.87 4.87 1.45
CA PRO C 44 10.55 6.08 2.23
C PRO C 44 9.19 6.04 2.89
N GLY C 45 9.13 6.21 4.21
CA GLY C 45 7.82 6.29 4.91
C GLY C 45 7.12 4.95 5.07
N LYS C 46 7.81 3.86 4.78
CA LYS C 46 7.24 2.53 4.88
C LYS C 46 8.01 1.73 5.92
N GLY C 47 7.59 0.48 6.10
CA GLY C 47 8.16 -0.41 7.07
C GLY C 47 9.39 -1.16 6.57
N LEU C 48 9.95 -1.96 7.47
CA LEU C 48 11.07 -2.84 7.14
C LEU C 48 10.66 -4.09 6.36
N GLU C 49 11.46 -4.44 5.34
CA GLU C 49 11.25 -5.61 4.48
C GLU C 49 12.54 -6.42 4.44
N TRP C 50 12.46 -7.69 4.85
CA TRP C 50 13.65 -8.58 4.81
C TRP C 50 13.88 -9.04 3.37
N VAL C 51 15.14 -9.07 2.95
CA VAL C 51 15.39 -9.43 1.55
C VAL C 51 16.13 -10.76 1.38
N ALA C 52 17.25 -10.93 2.07
CA ALA C 52 18.06 -12.14 1.83
C ALA C 52 19.05 -12.43 2.96
N TYR C 53 19.67 -13.62 2.95
CA TYR C 53 20.64 -14.02 3.99
C TYR C 53 21.66 -15.02 3.46
N ILE C 54 22.85 -15.05 4.07
CA ILE C 54 23.87 -16.08 3.71
C ILE C 54 24.53 -16.56 5.01
N SER C 55 25.00 -17.80 5.05
CA SER C 55 25.71 -18.31 6.24
C SER C 55 27.09 -18.80 5.83
N PRO C 56 28.14 -17.97 5.86
CA PRO C 56 29.49 -18.38 5.45
C PRO C 56 29.95 -19.70 6.08
N TYR C 57 29.33 -20.10 7.19
CA TYR C 57 29.66 -21.40 7.83
C TYR C 57 29.15 -22.56 6.97
N SER C 58 27.92 -22.46 6.48
CA SER C 58 27.31 -23.57 5.71
C SER C 58 27.18 -23.23 4.24
N GLY C 59 27.27 -21.95 3.88
CA GLY C 59 27.07 -21.52 2.49
C GLY C 59 25.60 -21.47 2.15
N SER C 60 24.73 -21.66 3.14
CA SER C 60 23.27 -21.68 2.89
C SER C 60 22.77 -20.26 2.61
N THR C 61 21.83 -20.12 1.68
CA THR C 61 21.30 -18.78 1.31
C THR C 61 19.78 -18.83 1.22
N SER C 62 19.10 -17.72 1.56
CA SER C 62 17.63 -17.64 1.44
C SER C 62 17.25 -16.28 0.85
N TYR C 63 16.11 -16.20 0.16
CA TYR C 63 15.76 -14.93 -0.49
C TYR C 63 14.28 -14.69 -0.29
N ALA C 64 13.93 -13.43 -0.15
CA ALA C 64 12.52 -13.06 -0.20
C ALA C 64 12.00 -13.31 -1.61
N ASP C 65 10.72 -13.67 -1.71
CA ASP C 65 10.10 -13.93 -3.00
C ASP C 65 10.25 -12.73 -3.94
N SER C 66 10.21 -11.51 -3.38
CA SER C 66 10.27 -10.29 -4.20
C SER C 66 11.65 -10.10 -4.87
N VAL C 67 12.68 -10.81 -4.40
CA VAL C 67 14.05 -10.69 -4.89
C VAL C 67 14.63 -12.01 -5.42
N LYS C 68 13.91 -13.13 -5.28
CA LYS C 68 14.40 -14.42 -5.76
C LYS C 68 14.69 -14.39 -7.26
N GLY C 69 15.81 -14.98 -7.67
CA GLY C 69 16.22 -14.99 -9.08
C GLY C 69 16.94 -13.74 -9.57
N ARG C 70 16.52 -12.58 -9.06
CA ARG C 70 17.15 -11.28 -9.45
C ARG C 70 18.34 -10.95 -8.54
N PHE C 71 18.23 -11.19 -7.23
CA PHE C 71 19.32 -10.83 -6.33
C PHE C 71 20.11 -12.07 -5.93
N THR C 72 21.41 -11.90 -5.75
CA THR C 72 22.26 -12.99 -5.27
C THR C 72 23.15 -12.49 -4.15
N ILE C 73 23.09 -13.17 -3.00
CA ILE C 73 23.97 -12.82 -1.85
C ILE C 73 25.21 -13.72 -1.87
N SER C 74 26.36 -13.17 -1.51
CA SER C 74 27.63 -13.94 -1.52
C SER C 74 28.54 -13.48 -0.38
N ALA C 75 29.71 -14.11 -0.21
CA ALA C 75 30.58 -13.76 0.94
C ALA C 75 32.06 -14.06 0.67
N ASP C 76 32.94 -13.18 1.14
CA ASP C 76 34.39 -13.38 1.04
C ASP C 76 35.03 -13.37 2.42
N THR C 77 35.36 -14.53 2.98
CA THR C 77 35.84 -14.58 4.36
C THR C 77 37.23 -13.96 4.53
N SER C 78 38.08 -14.00 3.49
CA SER C 78 39.42 -13.39 3.57
C SER C 78 39.41 -11.87 3.69
N LYS C 79 38.42 -11.20 3.09
CA LYS C 79 38.16 -9.77 3.19
C LYS C 79 37.16 -9.42 4.30
N ASN C 80 36.58 -10.43 4.97
CA ASN C 80 35.58 -10.27 6.03
C ASN C 80 34.42 -9.41 5.49
N THR C 81 33.94 -9.78 4.27
CA THR C 81 32.94 -8.98 3.54
C THR C 81 31.86 -9.85 2.92
N ALA C 82 30.63 -9.34 2.91
CA ALA C 82 29.46 -9.90 2.23
C ALA C 82 28.94 -8.98 1.12
N TYR C 83 28.23 -9.57 0.17
CA TYR C 83 27.77 -8.83 -1.01
C TYR C 83 26.30 -9.15 -1.31
N LEU C 84 25.64 -8.19 -1.95
CA LEU C 84 24.32 -8.41 -2.52
C LEU C 84 24.36 -7.89 -3.95
N GLN C 85 24.36 -8.81 -4.90
CA GLN C 85 24.31 -8.51 -6.34
C GLN C 85 22.83 -8.38 -6.68
N MET C 86 22.44 -7.18 -7.12
CA MET C 86 21.05 -6.87 -7.42
C MET C 86 20.92 -6.70 -8.93
N ASN C 87 20.32 -7.68 -9.60
CA ASN C 87 20.14 -7.60 -11.07
C ASN C 87 18.66 -7.38 -11.38
N SER C 88 18.35 -7.06 -12.64
CA SER C 88 16.94 -6.87 -13.07
C SER C 88 16.24 -5.93 -12.08
N LEU C 89 16.76 -4.73 -11.92
CA LEU C 89 16.21 -3.81 -10.89
C LEU C 89 14.95 -3.09 -11.39
N ARG C 90 14.04 -2.80 -10.46
CA ARG C 90 12.77 -2.13 -10.82
C ARG C 90 12.51 -1.01 -9.81
N ALA C 91 11.59 -0.09 -10.13
CA ALA C 91 11.33 1.09 -9.26
C ALA C 91 10.94 0.64 -7.86
N GLU C 92 10.33 -0.54 -7.73
CA GLU C 92 9.88 -1.05 -6.42
C GLU C 92 11.07 -1.25 -5.50
N ASP C 93 12.27 -1.38 -6.07
CA ASP C 93 13.46 -1.66 -5.25
C ASP C 93 14.03 -0.36 -4.71
N THR C 94 13.42 0.79 -5.04
CA THR C 94 13.95 1.99 -4.43
C THR C 94 13.75 1.89 -2.92
N ALA C 95 14.83 2.11 -2.18
CA ALA C 95 14.81 1.94 -0.74
C ALA C 95 16.18 2.22 -0.15
N VAL C 96 16.18 2.40 1.17
CA VAL C 96 17.41 2.27 1.95
C VAL C 96 17.67 0.79 2.19
N TYR C 97 18.90 0.35 1.91
CA TYR C 97 19.26 -1.05 2.12
C TYR C 97 20.21 -1.23 3.31
N TYR C 98 19.76 -1.95 4.34
CA TYR C 98 20.58 -2.26 5.51
C TYR C 98 21.12 -3.70 5.46
N CYS C 99 22.38 -3.88 5.86
CA CYS C 99 22.92 -5.20 6.23
C CYS C 99 22.93 -5.37 7.76
N ALA C 100 22.73 -6.60 8.24
CA ALA C 100 22.64 -6.86 9.69
C ALA C 100 23.25 -8.24 10.00
N ARG C 101 23.73 -8.44 11.22
CA ARG C 101 24.43 -9.71 11.54
C ARG C 101 23.67 -10.56 12.55
N TYR C 102 23.98 -11.86 12.60
CA TYR C 102 23.40 -12.77 13.61
C TYR C 102 24.57 -13.62 14.11
N LYS C 103 25.34 -13.10 15.07
CA LYS C 103 26.46 -13.86 15.64
C LYS C 103 25.90 -15.11 16.31
N TYR C 104 26.57 -16.25 16.12
CA TYR C 104 26.05 -17.51 16.67
C TYR C 104 26.66 -17.78 18.04
N GLY C 105 25.93 -18.50 18.88
CA GLY C 105 26.49 -18.93 20.15
C GLY C 105 26.30 -17.97 21.30
N GLN C 106 25.31 -17.09 21.22
CA GLN C 106 25.16 -16.04 22.28
C GLN C 106 23.71 -15.98 22.79
N GLY C 107 22.76 -16.61 22.10
CA GLY C 107 21.37 -16.66 22.56
C GLY C 107 20.45 -15.80 21.72
N HIS C 108 20.98 -15.09 20.73
CA HIS C 108 20.17 -14.13 19.95
C HIS C 108 19.05 -14.84 19.18
N MET C 109 19.20 -16.14 18.92
CA MET C 109 18.12 -16.93 18.27
C MET C 109 17.52 -16.19 17.06
N GLY C 110 18.35 -15.60 16.21
CA GLY C 110 17.86 -14.98 14.96
C GLY C 110 17.81 -13.46 15.02
N ALA C 111 18.30 -12.86 16.09
CA ALA C 111 18.18 -11.40 16.25
C ALA C 111 19.42 -10.70 15.69
N PHE C 112 19.25 -9.45 15.27
CA PHE C 112 20.37 -8.70 14.67
C PHE C 112 20.90 -7.69 15.68
N ASP C 113 22.06 -7.98 16.27
CA ASP C 113 22.58 -7.07 17.32
C ASP C 113 23.32 -5.89 16.68
N TYR C 114 23.74 -6.04 15.43
CA TYR C 114 24.51 -4.97 14.76
C TYR C 114 23.95 -4.76 13.35
N TRP C 115 23.58 -3.52 13.03
CA TRP C 115 23.08 -3.18 11.67
C TRP C 115 24.10 -2.23 11.03
N GLY C 116 23.84 -1.82 9.79
CA GLY C 116 24.74 -0.87 9.10
C GLY C 116 24.10 0.49 8.94
N GLN C 117 24.84 1.45 8.39
CA GLN C 117 24.32 2.84 8.27
C GLN C 117 23.19 2.87 7.25
N GLY C 118 23.25 1.98 6.26
CA GLY C 118 22.25 1.99 5.19
C GLY C 118 22.77 2.68 3.96
N THR C 119 22.24 2.34 2.79
CA THR C 119 22.65 2.99 1.53
C THR C 119 21.39 3.21 0.68
N LEU C 120 21.28 4.39 0.07
CA LEU C 120 20.05 4.69 -0.68
C LEU C 120 20.19 4.17 -2.11
N VAL C 121 19.34 3.22 -2.48
CA VAL C 121 19.30 2.71 -3.86
C VAL C 121 18.08 3.29 -4.57
N THR C 122 18.29 3.96 -5.70
CA THR C 122 17.20 4.64 -6.39
C THR C 122 17.22 4.08 -7.80
N VAL C 123 16.17 3.31 -8.15
CA VAL C 123 15.98 2.75 -9.50
C VAL C 123 15.05 3.67 -10.29
N SER C 124 15.61 4.37 -11.27
CA SER C 124 14.81 5.36 -11.97
C SER C 124 15.41 5.62 -13.35
N SER C 125 14.55 5.90 -14.32
CA SER C 125 15.03 6.33 -15.63
C SER C 125 15.33 7.83 -15.67
N ALA C 126 14.98 8.56 -14.60
CA ALA C 126 15.24 9.99 -14.57
C ALA C 126 16.74 10.30 -14.54
N SER C 127 17.11 11.37 -15.23
CA SER C 127 18.49 11.87 -15.27
C SER C 127 18.73 12.86 -14.14
N THR C 128 19.95 12.83 -13.61
CA THR C 128 20.36 13.75 -12.55
C THR C 128 20.25 15.19 -13.03
N LYS C 129 19.43 15.96 -12.29
CA LYS C 129 19.24 17.39 -12.59
C LYS C 129 19.34 18.14 -11.27
N GLY C 130 19.97 19.31 -11.29
CA GLY C 130 20.05 20.16 -10.08
C GLY C 130 18.73 20.83 -9.79
N PRO C 131 18.49 21.31 -8.56
CA PRO C 131 17.19 21.87 -8.21
C PRO C 131 16.94 23.35 -8.53
N SER C 132 15.75 23.67 -9.03
CA SER C 132 15.40 25.08 -9.15
C SER C 132 14.77 25.50 -7.83
N VAL C 133 15.23 26.64 -7.30
CA VAL C 133 14.82 27.16 -5.98
C VAL C 133 14.04 28.46 -6.19
N PHE C 134 12.79 28.49 -5.72
CA PHE C 134 11.94 29.66 -5.90
C PHE C 134 11.56 30.17 -4.51
N PRO C 135 11.42 31.49 -4.33
CA PRO C 135 11.01 31.96 -3.01
C PRO C 135 9.54 31.70 -2.71
N LEU C 136 9.27 31.37 -1.45
CA LEU C 136 7.93 31.43 -0.88
C LEU C 136 7.86 32.68 -0.02
N ALA C 137 7.46 33.80 -0.63
CA ALA C 137 7.53 35.19 -0.11
C ALA C 137 6.39 35.41 0.89
N PRO C 138 6.63 36.09 2.02
CA PRO C 138 5.52 36.37 2.95
C PRO C 138 4.54 37.38 2.37
N SER C 139 3.27 37.19 2.75
CA SER C 139 2.16 37.97 2.24
C SER C 139 1.63 38.94 3.29
N SER C 140 0.64 39.73 2.90
CA SER C 140 0.08 40.75 3.83
C SER C 140 -1.39 41.02 3.48
N THR C 143 -0.58 37.05 7.84
CA THR C 143 0.06 35.93 8.58
C THR C 143 -0.55 35.86 10.00
N SER C 144 0.31 35.80 11.02
CA SER C 144 -0.19 35.80 12.43
C SER C 144 -0.28 37.23 12.94
N GLY C 145 0.32 38.19 12.22
CA GLY C 145 0.34 39.59 12.66
C GLY C 145 1.74 39.97 13.10
N GLY C 146 2.18 39.42 14.24
CA GLY C 146 3.56 39.66 14.70
C GLY C 146 4.47 38.54 14.26
N THR C 147 3.90 37.43 13.77
CA THR C 147 4.70 36.27 13.31
C THR C 147 4.43 36.02 11.83
N ALA C 148 5.48 35.82 11.04
CA ALA C 148 5.29 35.63 9.61
C ALA C 148 5.96 34.37 9.08
N ALA C 149 5.33 33.68 8.11
CA ALA C 149 5.99 32.55 7.43
C ALA C 149 6.58 32.94 6.06
N LEU C 150 7.74 32.36 5.75
CA LEU C 150 8.42 32.52 4.47
C LEU C 150 9.15 31.23 4.17
N GLY C 151 9.61 31.08 2.93
CA GLY C 151 10.30 29.85 2.65
C GLY C 151 10.93 29.81 1.28
N CYS C 152 11.34 28.59 0.93
CA CYS C 152 11.92 28.25 -0.35
C CYS C 152 11.28 26.99 -0.86
N LEU C 153 11.04 26.95 -2.18
CA LEU C 153 10.50 25.74 -2.85
C LEU C 153 11.63 25.16 -3.70
N VAL C 154 12.26 24.07 -3.23
CA VAL C 154 13.32 23.39 -4.02
C VAL C 154 12.59 22.43 -4.96
N LYS C 155 12.47 22.77 -6.23
CA LYS C 155 11.64 21.95 -7.16
C LYS C 155 12.45 21.32 -8.29
N ASP C 156 11.97 20.18 -8.80
CA ASP C 156 12.60 19.52 -9.98
C ASP C 156 14.07 19.20 -9.74
N TYR C 157 14.35 18.28 -8.82
CA TYR C 157 15.75 17.83 -8.61
C TYR C 157 15.79 16.31 -8.58
N PHE C 158 16.96 15.74 -8.85
CA PHE C 158 17.12 14.27 -8.85
C PHE C 158 18.61 13.93 -8.70
N PRO C 159 18.98 12.85 -7.99
CA PRO C 159 18.07 12.23 -7.03
C PRO C 159 18.14 12.80 -5.61
N GLU C 160 17.58 12.07 -4.65
CA GLU C 160 17.72 12.50 -3.24
C GLU C 160 19.16 12.22 -2.82
N PRO C 161 19.75 12.97 -1.86
CA PRO C 161 19.03 13.98 -1.09
C PRO C 161 19.38 15.46 -1.34
N VAL C 162 18.61 16.36 -0.73
CA VAL C 162 18.92 17.81 -0.82
C VAL C 162 18.99 18.37 0.60
N THR C 163 19.95 19.26 0.87
CA THR C 163 20.10 19.89 2.21
C THR C 163 19.78 21.39 2.10
N VAL C 164 18.91 21.89 2.97
CA VAL C 164 18.58 23.31 2.93
C VAL C 164 18.91 23.84 4.32
N SER C 165 19.62 24.96 4.37
CA SER C 165 19.78 25.67 5.63
C SER C 165 19.33 27.12 5.46
N TRP C 166 19.20 27.83 6.58
CA TRP C 166 18.83 29.23 6.56
C TRP C 166 19.92 30.06 7.21
N ASN C 167 20.31 31.14 6.53
CA ASN C 167 21.34 32.05 7.01
C ASN C 167 22.59 31.26 7.42
N SER C 168 22.89 30.23 6.63
CA SER C 168 24.14 29.45 6.83
C SER C 168 24.19 28.75 8.19
N GLY C 169 23.06 28.23 8.68
CA GLY C 169 23.05 27.45 9.93
C GLY C 169 22.76 28.33 11.13
N ALA C 170 22.80 29.65 10.94
CA ALA C 170 22.53 30.59 12.06
C ALA C 170 21.06 30.50 12.46
N LEU C 171 20.16 30.47 11.48
CA LEU C 171 18.71 30.43 11.78
C LEU C 171 18.30 28.96 11.94
N THR C 172 17.83 28.60 13.14
CA THR C 172 17.43 27.20 13.41
C THR C 172 16.03 27.20 14.01
N SER C 173 15.58 28.34 14.52
CA SER C 173 14.27 28.37 15.22
C SER C 173 13.14 28.59 14.22
N GLY C 174 12.01 27.93 14.46
CA GLY C 174 10.87 28.06 13.58
C GLY C 174 11.04 27.49 12.17
N VAL C 175 12.10 26.69 11.93
CA VAL C 175 12.32 26.14 10.59
C VAL C 175 11.66 24.77 10.47
N HIS C 176 10.94 24.55 9.37
CA HIS C 176 10.44 23.24 8.97
C HIS C 176 10.87 22.96 7.54
N THR C 177 11.70 21.93 7.36
CA THR C 177 12.07 21.43 6.05
C THR C 177 11.30 20.13 5.78
N PHE C 178 10.43 20.17 4.76
CA PHE C 178 9.50 19.07 4.59
C PHE C 178 10.15 17.90 3.86
N PRO C 179 9.63 16.68 4.07
CA PRO C 179 10.09 15.55 3.25
C PRO C 179 9.81 15.82 1.79
N ALA C 180 10.73 15.42 0.91
CA ALA C 180 10.48 15.54 -0.53
C ALA C 180 9.27 14.71 -0.97
N VAL C 181 8.68 15.16 -2.08
CA VAL C 181 7.55 14.41 -2.69
C VAL C 181 7.95 14.11 -4.13
N LEU C 182 7.88 12.83 -4.55
CA LEU C 182 8.19 12.45 -5.95
C LEU C 182 7.05 12.89 -6.84
N GLN C 183 7.35 13.64 -7.89
CA GLN C 183 6.27 14.19 -8.74
C GLN C 183 6.05 13.29 -9.95
N SER C 184 4.90 13.44 -10.62
CA SER C 184 4.62 12.66 -11.85
C SER C 184 5.82 12.79 -12.78
N SER C 185 6.49 13.94 -12.72
CA SER C 185 7.69 14.18 -13.56
C SER C 185 8.75 13.12 -13.28
N GLY C 186 8.74 12.55 -12.08
CA GLY C 186 9.79 11.59 -11.70
C GLY C 186 10.89 12.33 -10.97
N LEU C 187 10.82 13.67 -10.92
CA LEU C 187 11.80 14.47 -10.15
C LEU C 187 11.23 14.74 -8.75
N TYR C 188 12.05 15.24 -7.85
CA TYR C 188 11.58 15.44 -6.46
C TYR C 188 11.28 16.93 -6.19
N SER C 189 10.38 17.20 -5.25
CA SER C 189 10.09 18.61 -4.85
C SER C 189 10.11 18.69 -3.32
N LEU C 190 10.91 19.59 -2.76
CA LEU C 190 11.04 19.72 -1.28
C LEU C 190 10.86 21.20 -0.90
N SER C 191 9.85 21.53 -0.10
CA SER C 191 9.73 22.94 0.37
C SER C 191 10.37 23.09 1.76
N SER C 192 10.97 24.24 2.04
CA SER C 192 11.55 24.50 3.39
C SER C 192 11.10 25.88 3.86
N VAL C 193 10.43 25.96 5.01
CA VAL C 193 9.85 27.26 5.46
C VAL C 193 10.36 27.64 6.86
N VAL C 194 10.02 28.86 7.32
CA VAL C 194 10.37 29.29 8.66
C VAL C 194 9.36 30.37 9.07
N THR C 195 9.00 30.36 10.36
CA THR C 195 8.15 31.40 10.92
C THR C 195 9.00 32.34 11.76
N VAL C 196 8.90 33.62 11.47
CA VAL C 196 9.77 34.61 12.09
C VAL C 196 8.95 35.84 12.48
N PRO C 197 9.50 36.74 13.29
CA PRO C 197 8.81 38.00 13.63
C PRO C 197 8.65 38.98 12.45
N SER C 198 7.44 39.54 12.30
CA SER C 198 7.17 40.45 11.19
C SER C 198 8.01 41.73 11.31
N SER C 199 8.31 42.17 12.53
CA SER C 199 9.15 43.37 12.65
C SER C 199 10.56 43.15 12.11
N SER C 200 10.97 41.90 11.92
CA SER C 200 12.32 41.60 11.45
C SER C 200 12.35 41.53 9.93
N LEU C 201 11.17 41.60 9.31
CA LEU C 201 11.04 41.38 7.87
C LEU C 201 11.69 42.50 7.08
N GLY C 202 11.54 43.73 7.54
CA GLY C 202 12.10 44.87 6.84
C GLY C 202 13.54 45.19 7.11
N THR C 203 14.27 44.38 7.91
CA THR C 203 15.68 44.66 8.18
C THR C 203 16.61 43.47 7.90
N GLN C 204 16.21 42.26 8.30
CA GLN C 204 17.08 41.08 8.28
C GLN C 204 16.92 40.26 7.00
N THR C 205 18.05 39.94 6.36
CA THR C 205 17.98 39.15 5.15
C THR C 205 17.74 37.68 5.51
N TYR C 206 16.98 37.00 4.67
CA TYR C 206 16.68 35.59 4.81
C TYR C 206 17.06 34.87 3.53
N ILE C 207 18.03 33.97 3.67
CA ILE C 207 18.66 33.28 2.55
C ILE C 207 18.59 31.78 2.84
N CYS C 208 18.00 31.01 1.92
CA CYS C 208 18.02 29.56 2.06
C CYS C 208 19.21 29.02 1.31
N ASN C 209 19.95 28.10 1.95
CA ASN C 209 21.17 27.52 1.41
C ASN C 209 20.81 26.09 1.01
N VAL C 210 20.83 25.83 -0.30
CA VAL C 210 20.44 24.48 -0.82
C VAL C 210 21.66 23.79 -1.40
N ASN C 211 21.83 22.50 -1.14
CA ASN C 211 22.98 21.74 -1.69
C ASN C 211 22.50 20.41 -2.28
N HIS C 212 22.89 20.12 -3.52
CA HIS C 212 22.53 18.84 -4.16
C HIS C 212 23.83 18.13 -4.53
N LYS C 213 24.37 17.34 -3.61
CA LYS C 213 25.69 16.69 -3.83
C LYS C 213 25.67 15.85 -5.11
N PRO C 214 24.67 14.99 -5.39
CA PRO C 214 24.63 14.28 -6.67
C PRO C 214 24.85 15.19 -7.89
N SER C 215 24.40 16.44 -7.83
CA SER C 215 24.51 17.36 -9.01
C SER C 215 25.50 18.48 -8.74
N ASN C 216 26.24 18.43 -7.63
CA ASN C 216 27.18 19.51 -7.25
C ASN C 216 26.50 20.87 -7.45
N THR C 217 25.29 21.04 -6.91
CA THR C 217 24.55 22.30 -7.15
C THR C 217 24.31 23.03 -5.83
N LYS C 218 24.70 24.31 -5.75
CA LYS C 218 24.47 25.12 -4.56
C LYS C 218 23.77 26.42 -4.97
N VAL C 219 22.61 26.67 -4.39
CA VAL C 219 21.86 27.89 -4.69
C VAL C 219 21.64 28.57 -3.35
N ASP C 220 21.84 29.90 -3.33
CA ASP C 220 21.43 30.74 -2.20
C ASP C 220 20.35 31.72 -2.67
N LYS C 221 19.13 31.26 -2.85
CA LYS C 221 18.06 32.15 -3.30
C LYS C 221 17.59 32.95 -2.07
N LYS C 222 17.79 34.26 -2.10
CA LYS C 222 17.30 35.14 -1.04
C LYS C 222 15.79 35.44 -1.10
N VAL C 223 15.09 35.18 0.02
CA VAL C 223 13.64 35.37 0.08
C VAL C 223 13.29 36.68 0.77
N GLU C 224 12.64 37.58 0.03
CA GLU C 224 12.19 38.95 0.24
C GLU C 224 10.66 39.09 0.19
N PRO C 225 10.04 40.08 0.88
CA PRO C 225 8.61 40.29 0.72
C PRO C 225 8.30 40.88 -0.65
N LYS C 226 7.10 40.63 -1.16
CA LYS C 226 6.68 41.19 -2.47
C LYS C 226 6.57 42.71 -2.33
N SER C 227 7.31 43.46 -3.14
CA SER C 227 7.21 44.94 -3.12
C SER C 227 6.06 45.37 -4.05
N CYS C 228 4.94 45.81 -3.48
CA CYS C 228 3.77 46.22 -4.29
C CYS C 228 3.25 47.58 -3.80
N THR D 6 4.59 -4.86 2.85
CA THR D 6 5.20 -3.85 3.75
C THR D 6 4.34 -2.58 3.68
N GLN D 7 4.01 -2.01 4.84
CA GLN D 7 3.07 -0.87 4.85
C GLN D 7 3.55 0.26 5.76
N SER D 8 2.86 1.39 5.71
CA SER D 8 3.19 2.52 6.61
C SER D 8 2.88 2.10 8.04
N PRO D 9 3.71 2.45 9.04
CA PRO D 9 3.48 2.06 10.43
C PRO D 9 2.17 2.55 11.04
N SER D 10 1.67 1.85 12.05
CA SER D 10 0.43 2.25 12.76
C SER D 10 0.77 3.28 13.84
N SER D 11 -0.22 4.02 14.33
CA SER D 11 0.09 5.10 15.30
C SER D 11 -0.60 4.89 16.65
N LEU D 12 0.16 4.94 17.74
CA LEU D 12 -0.41 4.87 19.10
C LEU D 12 -0.05 6.18 19.80
N SER D 13 -1.04 6.91 20.30
CA SER D 13 -0.77 8.17 21.03
C SER D 13 -0.68 7.88 22.53
N ALA D 14 0.35 8.38 23.18
CA ALA D 14 0.57 8.10 24.62
C ALA D 14 1.27 9.27 25.30
N SER D 15 1.36 9.22 26.62
CA SER D 15 1.95 10.35 27.38
C SER D 15 3.14 9.83 28.19
N VAL D 16 4.10 10.70 28.50
CA VAL D 16 5.24 10.27 29.35
C VAL D 16 4.69 9.65 30.63
N GLY D 17 5.05 8.40 30.90
CA GLY D 17 4.60 7.73 32.14
C GLY D 17 3.60 6.62 31.87
N ASP D 18 3.08 6.55 30.66
CA ASP D 18 2.05 5.53 30.33
C ASP D 18 2.69 4.17 30.08
N ARG D 19 1.93 3.10 30.26
CA ARG D 19 2.43 1.72 30.01
C ARG D 19 1.90 1.27 28.66
N VAL D 20 2.76 0.76 27.79
CA VAL D 20 2.33 0.39 26.42
C VAL D 20 2.68 -1.08 26.17
N THR D 21 1.70 -1.87 25.70
CA THR D 21 1.96 -3.28 25.35
C THR D 21 1.65 -3.46 23.86
N ILE D 22 2.65 -3.81 23.06
CA ILE D 22 2.47 -4.01 21.59
C ILE D 22 2.58 -5.50 21.29
N THR D 23 1.67 -6.03 20.47
CA THR D 23 1.66 -7.48 20.17
C THR D 23 2.11 -7.72 18.72
N CYS D 24 2.97 -8.72 18.51
CA CYS D 24 3.44 -9.07 17.14
C CYS D 24 2.27 -9.68 16.36
N ARG D 25 1.83 -9.00 15.30
CA ARG D 25 0.65 -9.45 14.52
C ARG D 25 0.98 -10.76 13.80
N ALA D 26 2.22 -10.92 13.32
CA ALA D 26 2.60 -12.13 12.55
C ALA D 26 2.10 -13.39 13.26
N SER D 27 2.41 -13.55 14.55
CA SER D 27 1.91 -14.70 15.36
C SER D 27 1.95 -16.01 14.56
N GLN D 28 3.14 -16.43 14.13
CA GLN D 28 3.30 -17.72 13.39
C GLN D 28 3.88 -18.76 14.36
N SER D 29 3.81 -18.50 15.66
CA SER D 29 4.26 -19.48 16.69
C SER D 29 5.61 -20.11 16.31
N VAL D 30 6.60 -19.30 15.95
CA VAL D 30 7.96 -19.83 15.64
C VAL D 30 8.74 -19.94 16.97
N SER D 31 8.45 -21.00 17.75
CA SER D 31 9.13 -21.20 19.06
C SER D 31 9.14 -19.88 19.83
N SER D 32 10.32 -19.39 20.22
CA SER D 32 10.43 -18.08 20.92
C SER D 32 11.38 -17.18 20.13
N ALA D 33 11.50 -17.40 18.81
CA ALA D 33 12.43 -16.63 17.96
C ALA D 33 11.82 -15.27 17.60
N VAL D 34 11.18 -14.58 18.56
CA VAL D 34 10.65 -13.23 18.27
C VAL D 34 11.64 -12.20 18.83
N ALA D 35 11.95 -11.20 18.02
CA ALA D 35 12.85 -10.12 18.47
C ALA D 35 12.17 -8.79 18.22
N TRP D 36 12.57 -7.77 18.98
CA TRP D 36 11.97 -6.44 18.84
C TRP D 36 12.99 -5.38 18.58
N TYR D 37 12.62 -4.40 17.75
CA TYR D 37 13.56 -3.35 17.42
C TYR D 37 12.87 -2.01 17.63
N GLN D 38 13.71 -1.02 17.92
CA GLN D 38 13.26 0.38 18.04
C GLN D 38 14.01 1.16 16.97
N GLN D 39 13.31 2.00 16.24
CA GLN D 39 13.88 2.81 15.18
C GLN D 39 13.44 4.24 15.34
N LYS D 40 14.39 5.15 15.25
CA LYS D 40 14.18 6.59 15.22
C LYS D 40 14.48 7.08 13.82
N PRO D 41 13.89 8.22 13.44
CA PRO D 41 14.00 8.68 12.04
C PRO D 41 15.43 8.88 11.58
N GLY D 42 15.73 8.39 10.37
CA GLY D 42 17.07 8.63 9.86
C GLY D 42 18.16 7.75 10.41
N LYS D 43 17.80 6.75 11.23
CA LYS D 43 18.77 5.87 11.86
C LYS D 43 18.39 4.42 11.60
N ALA D 44 19.37 3.54 11.76
CA ALA D 44 19.09 2.11 11.62
C ALA D 44 18.31 1.63 12.84
N PRO D 45 17.54 0.56 12.72
CA PRO D 45 16.89 0.01 13.92
C PRO D 45 17.93 -0.42 14.93
N LYS D 46 17.51 -0.47 16.19
CA LYS D 46 18.32 -0.92 17.31
C LYS D 46 17.54 -2.03 18.02
N LEU D 47 18.25 -3.13 18.33
CA LEU D 47 17.65 -4.28 19.01
C LEU D 47 17.33 -3.99 20.48
N LEU D 48 16.12 -4.35 20.90
CA LEU D 48 15.61 -4.23 22.27
C LEU D 48 15.57 -5.58 22.97
N ILE D 49 14.89 -6.57 22.36
CA ILE D 49 14.62 -7.85 23.00
C ILE D 49 14.93 -8.98 22.01
N TYR D 50 15.65 -9.99 22.52
CA TYR D 50 15.93 -11.19 21.72
C TYR D 50 15.36 -12.41 22.44
N SER D 51 15.07 -13.48 21.71
CA SER D 51 14.54 -14.73 22.22
C SER D 51 13.32 -14.50 23.09
N ALA D 52 12.40 -13.67 22.55
CA ALA D 52 11.09 -13.34 23.08
C ALA D 52 11.09 -12.44 24.32
N SER D 53 12.03 -12.66 25.26
CA SER D 53 11.96 -12.01 26.56
C SER D 53 13.31 -11.57 27.13
N SER D 54 14.40 -11.75 26.41
CA SER D 54 15.72 -11.38 26.92
C SER D 54 16.04 -9.95 26.51
N LEU D 55 16.38 -9.13 27.51
CA LEU D 55 16.71 -7.72 27.33
C LEU D 55 18.15 -7.60 26.79
N TYR D 56 18.29 -6.89 25.68
CA TYR D 56 19.64 -6.73 25.08
C TYR D 56 20.49 -5.81 25.94
N SER D 57 21.78 -6.09 26.03
CA SER D 57 22.74 -5.27 26.76
C SER D 57 22.51 -3.79 26.48
N GLY D 58 22.43 -3.02 27.56
CA GLY D 58 22.31 -1.59 27.47
C GLY D 58 20.89 -1.09 27.32
N VAL D 59 19.93 -1.99 27.17
CA VAL D 59 18.57 -1.54 26.98
C VAL D 59 18.01 -1.35 28.38
N PRO D 60 17.29 -0.27 28.63
CA PRO D 60 16.72 0.00 29.96
C PRO D 60 15.73 -1.07 30.42
N SER D 61 15.70 -1.30 31.73
CA SER D 61 14.87 -2.36 32.30
C SER D 61 13.36 -2.06 32.11
N ARG D 62 13.01 -0.84 31.71
CA ARG D 62 11.58 -0.50 31.55
C ARG D 62 11.01 -1.32 30.39
N PHE D 63 11.89 -1.83 29.52
CA PHE D 63 11.44 -2.63 28.36
C PHE D 63 11.46 -4.11 28.73
N SER D 64 10.37 -4.83 28.44
CA SER D 64 10.34 -6.26 28.69
C SER D 64 9.56 -6.92 27.58
N GLY D 65 9.80 -8.22 27.40
CA GLY D 65 9.10 -9.00 26.38
C GLY D 65 8.54 -10.26 26.99
N SER D 66 7.43 -10.71 26.43
CA SER D 66 6.83 -11.93 26.96
C SER D 66 6.15 -12.69 25.85
N ARG D 67 5.78 -13.93 26.16
CA ARG D 67 5.13 -14.84 25.24
C ARG D 67 4.03 -15.52 26.07
N SER D 68 2.86 -15.67 25.48
CA SER D 68 1.80 -16.49 26.05
C SER D 68 1.16 -17.28 24.91
N GLY D 69 1.39 -18.58 24.86
CA GLY D 69 0.94 -19.30 23.68
C GLY D 69 1.66 -18.84 22.43
N THR D 70 0.91 -18.47 21.40
CA THR D 70 1.47 -17.95 20.16
C THR D 70 1.45 -16.45 20.13
N ASP D 71 1.12 -15.83 21.26
CA ASP D 71 1.05 -14.38 21.44
C ASP D 71 2.32 -13.82 22.07
N PHE D 72 2.98 -12.95 21.30
CA PHE D 72 4.24 -12.28 21.77
C PHE D 72 3.91 -10.80 22.00
N THR D 73 4.65 -10.13 22.89
CA THR D 73 4.31 -8.77 23.32
C THR D 73 5.56 -8.04 23.79
N LEU D 74 5.72 -6.79 23.33
CA LEU D 74 6.67 -5.85 23.86
C LEU D 74 5.96 -4.92 24.81
N THR D 75 6.46 -4.79 26.03
CA THR D 75 5.93 -3.84 27.00
C THR D 75 6.97 -2.81 27.44
N ILE D 76 6.52 -1.55 27.47
CA ILE D 76 7.34 -0.44 28.04
C ILE D 76 6.58 -0.07 29.32
N SER D 77 7.15 -0.29 30.50
CA SER D 77 6.45 -0.10 31.78
C SER D 77 6.12 1.37 32.05
N SER D 78 6.98 2.28 31.59
CA SER D 78 6.75 3.73 31.81
C SER D 78 7.42 4.52 30.69
N LEU D 79 6.63 5.07 29.78
CA LEU D 79 7.21 5.77 28.61
C LEU D 79 8.07 6.94 29.07
N GLN D 80 9.33 6.94 28.65
CA GLN D 80 10.22 8.09 28.95
C GLN D 80 10.29 8.91 27.67
N PRO D 81 10.65 10.21 27.72
CA PRO D 81 10.62 11.04 26.51
C PRO D 81 11.40 10.46 25.31
N GLU D 82 12.39 9.61 25.55
CA GLU D 82 13.25 9.09 24.45
C GLU D 82 12.67 7.79 23.87
N ASP D 83 11.62 7.25 24.46
CA ASP D 83 11.06 5.95 24.01
C ASP D 83 10.06 6.20 22.88
N PHE D 84 9.80 7.46 22.57
CA PHE D 84 8.81 7.79 21.52
C PHE D 84 9.47 7.54 20.16
N ALA D 85 9.11 6.44 19.51
CA ALA D 85 9.74 6.07 18.23
C ALA D 85 8.89 5.01 17.54
N THR D 86 9.45 4.35 16.53
CA THR D 86 8.71 3.28 15.80
C THR D 86 9.23 1.91 16.28
N TYR D 87 8.32 0.95 16.46
CA TYR D 87 8.72 -0.37 17.01
C TYR D 87 8.34 -1.50 16.04
N TYR D 88 9.24 -2.48 15.87
CA TYR D 88 9.00 -3.58 14.90
C TYR D 88 9.32 -4.94 15.53
N CYS D 89 8.54 -5.98 15.22
CA CYS D 89 8.88 -7.35 15.70
C CYS D 89 9.43 -8.20 14.55
N GLN D 90 10.29 -9.17 14.88
CA GLN D 90 10.91 -10.05 13.85
C GLN D 90 10.68 -11.52 14.19
N GLN D 91 10.04 -12.27 13.30
CA GLN D 91 9.88 -13.73 13.48
C GLN D 91 10.80 -14.41 12.46
N SER D 92 11.76 -15.21 12.90
CA SER D 92 12.76 -15.84 12.01
C SER D 92 12.55 -17.37 11.88
N ASN D 93 12.00 -17.84 10.77
CA ASN D 93 11.86 -19.31 10.57
C ASN D 93 13.11 -19.90 9.89
N THR D 94 12.99 -21.10 9.31
CA THR D 94 14.17 -21.81 8.75
C THR D 94 14.52 -21.30 7.36
N GLU D 95 13.55 -20.68 6.66
CA GLU D 95 13.81 -20.29 5.26
C GLU D 95 13.38 -18.84 4.99
N LEU D 96 13.07 -18.06 6.01
CA LEU D 96 12.54 -16.70 5.76
C LEU D 96 12.39 -15.95 7.07
N VAL D 97 12.73 -14.67 7.09
CA VAL D 97 12.45 -13.89 8.30
C VAL D 97 11.56 -12.72 7.86
N THR D 98 10.71 -12.27 8.78
CA THR D 98 9.62 -11.34 8.52
C THR D 98 9.59 -10.24 9.55
N PHE D 99 9.49 -8.99 9.12
CA PHE D 99 9.24 -7.96 10.10
C PHE D 99 7.74 -7.66 10.03
N GLY D 100 7.17 -7.45 11.19
CA GLY D 100 5.85 -6.89 11.35
C GLY D 100 5.72 -5.46 10.95
N GLN D 101 4.46 -5.02 10.87
CA GLN D 101 4.21 -3.60 10.58
C GLN D 101 4.62 -2.83 11.81
N GLY D 102 5.23 -1.66 11.61
CA GLY D 102 5.73 -0.89 12.76
C GLY D 102 4.63 -0.21 13.52
N THR D 103 4.89 0.07 14.80
CA THR D 103 3.92 0.86 15.59
C THR D 103 4.63 2.15 15.94
N LYS D 104 4.15 3.28 15.44
CA LYS D 104 4.76 4.59 15.79
C LYS D 104 4.09 5.13 17.05
N VAL D 105 4.88 5.29 18.12
CA VAL D 105 4.34 5.87 19.37
C VAL D 105 4.57 7.38 19.34
N GLU D 106 3.50 8.16 19.28
CA GLU D 106 3.61 9.64 19.23
C GLU D 106 3.29 10.21 20.61
N ILE D 107 3.67 11.47 20.84
CA ILE D 107 3.41 12.13 22.15
C ILE D 107 2.02 12.75 22.12
N LYS D 108 1.17 12.33 23.05
CA LYS D 108 -0.21 12.88 23.14
C LYS D 108 -0.14 14.27 23.77
N ARG D 109 -0.92 15.20 23.25
CA ARG D 109 -0.96 16.56 23.83
C ARG D 109 -2.33 17.17 23.58
N THR D 110 -2.52 18.39 24.08
CA THR D 110 -3.81 19.09 23.88
C THR D 110 -3.99 19.37 22.39
N VAL D 111 -5.23 19.33 21.92
CA VAL D 111 -5.52 19.58 20.47
C VAL D 111 -5.14 21.01 20.14
N ALA D 112 -4.45 21.22 19.01
CA ALA D 112 -4.04 22.57 18.58
C ALA D 112 -4.43 22.75 17.12
N ALA D 113 -5.23 23.77 16.81
CA ALA D 113 -5.55 24.01 15.43
C ALA D 113 -4.32 24.50 14.68
N PRO D 114 -4.22 24.19 13.39
CA PRO D 114 -3.12 24.73 12.58
C PRO D 114 -3.25 26.20 12.28
N SER D 115 -2.08 26.85 12.19
CA SER D 115 -1.95 28.14 11.52
C SER D 115 -1.66 27.94 10.03
N VAL D 116 -2.49 28.53 9.17
CA VAL D 116 -2.53 28.31 7.72
C VAL D 116 -2.05 29.54 6.95
N PHE D 117 -1.05 29.32 6.10
CA PHE D 117 -0.49 30.40 5.25
C PHE D 117 -0.52 29.96 3.78
N ILE D 118 -0.52 30.90 2.83
CA ILE D 118 -0.57 30.59 1.40
C ILE D 118 0.50 31.40 0.69
N PHE D 119 1.06 30.78 -0.35
CA PHE D 119 2.16 31.34 -1.12
C PHE D 119 1.84 31.40 -2.60
N PRO D 120 1.82 32.59 -3.20
CA PRO D 120 1.66 32.70 -4.63
C PRO D 120 2.80 31.98 -5.34
N PRO D 121 2.62 31.69 -6.63
CA PRO D 121 3.75 31.15 -7.37
C PRO D 121 4.75 32.29 -7.53
N SER D 122 6.05 31.95 -7.53
CA SER D 122 7.01 33.01 -7.78
C SER D 122 6.98 33.42 -9.25
N ASP D 123 7.32 34.67 -9.49
CA ASP D 123 7.45 35.15 -10.87
C ASP D 123 8.54 34.40 -11.62
N SER D 124 9.67 34.17 -10.93
CA SER D 124 10.79 33.40 -11.48
C SER D 124 10.31 32.04 -12.01
N GLN D 125 9.64 31.27 -11.17
CA GLN D 125 9.10 29.98 -11.59
C GLN D 125 8.18 30.11 -12.80
N LEU D 126 7.30 31.13 -12.78
CA LEU D 126 6.35 31.28 -13.87
C LEU D 126 7.04 31.35 -15.22
N LYS D 127 8.16 32.07 -15.32
CA LYS D 127 8.89 32.16 -16.59
C LYS D 127 9.24 30.78 -17.18
N SER D 128 9.42 29.76 -16.34
CA SER D 128 9.83 28.44 -16.80
C SER D 128 8.66 27.61 -17.34
N GLY D 129 7.42 28.09 -17.18
CA GLY D 129 6.26 27.46 -17.75
C GLY D 129 5.36 26.72 -16.77
N THR D 130 5.60 26.82 -15.44
CA THR D 130 4.82 26.11 -14.44
C THR D 130 4.48 27.08 -13.29
N ALA D 131 3.38 26.74 -12.58
CA ALA D 131 2.90 27.51 -11.43
C ALA D 131 2.62 26.58 -10.26
N SER D 132 3.35 26.77 -9.17
CA SER D 132 3.12 26.06 -7.91
C SER D 132 2.52 26.98 -6.85
N VAL D 133 1.35 26.60 -6.33
CA VAL D 133 0.71 27.30 -5.23
C VAL D 133 0.88 26.43 -3.99
N VAL D 134 1.33 27.03 -2.88
CA VAL D 134 1.73 26.27 -1.69
C VAL D 134 0.85 26.71 -0.52
N CYS D 135 0.28 25.73 0.20
CA CYS D 135 -0.46 25.94 1.45
C CYS D 135 0.32 25.34 2.61
N LEU D 136 0.56 26.15 3.65
CA LEU D 136 1.32 25.74 4.83
C LEU D 136 0.40 25.63 6.04
N LEU D 137 0.42 24.46 6.71
CA LEU D 137 -0.24 24.21 8.01
C LEU D 137 0.80 24.09 9.13
N ASN D 138 0.84 25.09 10.02
CA ASN D 138 1.95 25.09 11.00
C ASN D 138 1.58 24.80 12.45
N ASN D 139 2.23 23.82 13.06
CA ASN D 139 2.18 23.57 14.50
C ASN D 139 0.77 23.21 14.96
N PHE D 140 0.34 22.03 14.50
CA PHE D 140 -1.01 21.55 14.86
C PHE D 140 -0.92 20.16 15.46
N TYR D 141 -1.94 19.77 16.20
CA TYR D 141 -2.02 18.41 16.77
C TYR D 141 -3.49 18.10 16.93
N PRO D 142 -4.02 16.90 16.61
CA PRO D 142 -3.27 15.75 16.11
C PRO D 142 -2.96 15.84 14.62
N ARG D 143 -2.19 14.88 14.10
CA ARG D 143 -1.71 14.92 12.69
C ARG D 143 -2.85 14.88 11.67
N GLU D 144 -4.02 14.37 12.06
CA GLU D 144 -5.12 14.20 11.09
C GLU D 144 -5.62 15.55 10.60
N ALA D 145 -5.17 15.97 9.41
CA ALA D 145 -5.62 17.24 8.81
C ALA D 145 -5.95 17.04 7.33
N LYS D 146 -6.86 17.84 6.78
CA LYS D 146 -7.25 17.74 5.34
C LYS D 146 -7.04 19.08 4.64
N VAL D 147 -6.45 19.07 3.45
CA VAL D 147 -6.29 20.32 2.65
C VAL D 147 -7.10 20.15 1.37
N GLN D 148 -8.19 20.92 1.21
CA GLN D 148 -8.99 20.88 -0.02
C GLN D 148 -8.77 22.16 -0.81
N TRP D 149 -8.27 22.03 -2.03
CA TRP D 149 -8.05 23.23 -2.89
C TRP D 149 -9.36 23.59 -3.60
N LYS D 150 -9.54 24.88 -3.89
CA LYS D 150 -10.75 25.37 -4.62
C LYS D 150 -10.33 26.42 -5.64
N VAL D 151 -10.40 26.10 -6.93
CA VAL D 151 -10.08 27.12 -7.97
C VAL D 151 -11.41 27.66 -8.48
N ASP D 152 -11.57 28.99 -8.53
CA ASP D 152 -12.87 29.55 -8.90
C ASP D 152 -14.03 28.73 -8.32
N ASN D 153 -13.94 28.40 -7.03
CA ASN D 153 -15.00 27.60 -6.34
C ASN D 153 -15.18 26.26 -7.05
N ALA D 154 -14.11 25.45 -7.16
CA ALA D 154 -14.21 24.10 -7.75
C ALA D 154 -13.26 23.16 -7.02
N LEU D 155 -13.81 22.08 -6.43
CA LEU D 155 -12.98 21.12 -5.67
C LEU D 155 -11.89 20.56 -6.58
N GLN D 156 -10.62 20.77 -6.23
CA GLN D 156 -9.48 20.31 -7.09
C GLN D 156 -8.99 18.95 -6.59
N SER D 157 -8.82 17.99 -7.50
CA SER D 157 -8.38 16.63 -7.09
C SER D 157 -7.29 16.11 -8.02
N GLY D 158 -6.26 15.47 -7.46
CA GLY D 158 -5.21 14.86 -8.26
C GLY D 158 -4.11 15.75 -8.80
N ASN D 159 -4.07 17.04 -8.48
CA ASN D 159 -3.07 17.98 -9.00
C ASN D 159 -2.36 18.69 -7.84
N SER D 160 -2.36 18.07 -6.66
CA SER D 160 -1.63 18.56 -5.51
C SER D 160 -0.91 17.40 -4.87
N GLN D 161 0.12 17.72 -4.09
CA GLN D 161 0.82 16.72 -3.31
C GLN D 161 1.18 17.32 -1.96
N GLU D 162 1.15 16.48 -0.94
CA GLU D 162 1.40 16.92 0.43
C GLU D 162 2.48 16.06 1.07
N SER D 163 3.12 16.66 2.09
CA SER D 163 4.14 15.97 2.90
C SER D 163 4.00 16.50 4.34
N VAL D 164 4.20 15.66 5.34
CA VAL D 164 4.01 16.08 6.76
C VAL D 164 5.33 15.90 7.50
N THR D 165 5.71 16.86 8.33
CA THR D 165 6.97 16.78 9.11
C THR D 165 6.82 15.84 10.30
N GLU D 166 7.93 15.42 10.88
CA GLU D 166 7.88 14.56 12.09
C GLU D 166 7.48 15.42 13.30
N GLN D 167 7.03 14.79 14.39
CA GLN D 167 6.57 15.53 15.59
C GLN D 167 7.71 16.38 16.16
N ASP D 168 7.42 17.64 16.50
CA ASP D 168 8.46 18.54 17.04
C ASP D 168 8.93 18.02 18.39
N SER D 169 10.23 17.97 18.58
CA SER D 169 10.80 17.45 19.85
C SER D 169 10.48 18.41 20.99
N LYS D 170 9.98 19.61 20.66
CA LYS D 170 9.75 20.58 21.73
C LYS D 170 8.28 20.81 22.10
N ASP D 171 7.42 21.00 21.09
CA ASP D 171 5.98 21.29 21.34
C ASP D 171 5.11 20.11 20.94
N SER D 172 5.71 19.03 20.44
CA SER D 172 4.95 17.79 20.09
C SER D 172 3.85 18.08 19.05
N THR D 173 4.12 18.95 18.08
CA THR D 173 3.13 19.30 17.04
C THR D 173 3.60 18.85 15.65
N TYR D 174 2.69 18.94 14.69
CA TYR D 174 3.04 18.51 13.32
C TYR D 174 2.87 19.67 12.34
N SER D 175 3.65 19.67 11.27
CA SER D 175 3.47 20.63 10.20
C SER D 175 3.31 19.91 8.88
N LEU D 176 2.61 20.59 7.96
CA LEU D 176 2.23 20.03 6.67
C LEU D 176 2.41 21.04 5.55
N SER D 177 2.87 20.56 4.40
CA SER D 177 2.91 21.37 3.18
C SER D 177 2.11 20.70 2.08
N SER D 178 1.25 21.47 1.42
CA SER D 178 0.51 21.01 0.25
C SER D 178 0.90 21.88 -0.94
N THR D 179 1.19 21.25 -2.08
CA THR D 179 1.63 22.03 -3.26
C THR D 179 0.70 21.76 -4.45
N LEU D 180 -0.01 22.79 -4.92
CA LEU D 180 -0.85 22.65 -6.14
C LEU D 180 -0.04 23.14 -7.34
N THR D 181 0.12 22.29 -8.35
CA THR D 181 0.93 22.67 -9.53
C THR D 181 0.03 22.68 -10.77
N LEU D 182 -0.11 23.85 -11.40
CA LEU D 182 -0.89 23.97 -12.65
C LEU D 182 0.03 24.57 -13.72
N SER D 183 -0.23 24.25 -14.99
CA SER D 183 0.57 24.85 -16.08
C SER D 183 0.41 26.37 -15.98
N LYS D 184 1.46 27.12 -16.29
CA LYS D 184 1.40 28.61 -16.24
C LYS D 184 0.11 29.08 -16.93
N ALA D 185 -0.23 28.46 -18.05
CA ALA D 185 -1.44 28.84 -18.81
C ALA D 185 -2.67 28.68 -17.91
N ASP D 186 -2.81 27.53 -17.27
CA ASP D 186 -4.00 27.26 -16.42
C ASP D 186 -4.03 28.25 -15.26
N TYR D 187 -2.87 28.61 -14.73
CA TYR D 187 -2.82 29.63 -13.65
C TYR D 187 -3.40 30.95 -14.15
N GLU D 188 -3.07 31.32 -15.40
CA GLU D 188 -3.50 32.62 -15.95
C GLU D 188 -4.94 32.55 -16.45
N LYS D 189 -5.59 31.40 -16.29
CA LYS D 189 -6.99 31.23 -16.78
C LYS D 189 -7.97 31.36 -15.61
N HIS D 190 -7.49 31.53 -14.39
CA HIS D 190 -8.41 31.55 -13.21
C HIS D 190 -8.07 32.73 -12.29
N LYS D 191 -8.92 33.01 -11.30
CA LYS D 191 -8.69 34.21 -10.49
C LYS D 191 -8.42 33.85 -9.03
N VAL D 192 -9.37 33.17 -8.38
CA VAL D 192 -9.35 32.92 -6.93
C VAL D 192 -8.72 31.55 -6.65
N TYR D 193 -7.65 31.57 -5.86
CA TYR D 193 -6.96 30.31 -5.46
C TYR D 193 -7.07 30.17 -3.93
N ALA D 194 -7.67 29.08 -3.43
CA ALA D 194 -7.95 28.89 -2.01
C ALA D 194 -7.59 27.49 -1.48
N CYS D 195 -7.00 27.43 -0.28
CA CYS D 195 -6.79 26.16 0.45
C CYS D 195 -7.73 26.13 1.68
N GLU D 196 -8.58 25.13 1.77
CA GLU D 196 -9.52 24.98 2.87
C GLU D 196 -9.17 23.76 3.73
N VAL D 197 -9.01 24.02 5.04
CA VAL D 197 -8.44 23.10 6.01
C VAL D 197 -9.51 22.73 7.05
N THR D 198 -9.72 21.44 7.22
CA THR D 198 -10.58 20.86 8.26
C THR D 198 -9.70 20.11 9.26
N HIS D 199 -9.85 20.39 10.53
CA HIS D 199 -9.01 19.76 11.53
C HIS D 199 -9.70 19.75 12.87
N GLN D 200 -9.42 18.71 13.65
CA GLN D 200 -10.04 18.61 14.95
C GLN D 200 -9.75 19.91 15.67
N GLY D 201 -10.59 20.30 16.59
CA GLY D 201 -10.37 21.57 17.24
C GLY D 201 -10.70 22.79 16.42
N LEU D 202 -11.01 22.67 15.13
CA LEU D 202 -11.50 23.82 14.38
C LEU D 202 -13.00 23.59 14.29
N SER D 203 -13.75 24.59 14.70
CA SER D 203 -15.20 24.44 14.69
C SER D 203 -15.79 24.43 13.28
N SER D 204 -15.14 25.09 12.31
CA SER D 204 -15.52 25.03 10.90
C SER D 204 -14.29 25.19 10.03
N PRO D 205 -14.37 24.79 8.76
CA PRO D 205 -13.19 24.87 7.88
C PRO D 205 -12.64 26.28 7.76
N VAL D 206 -11.30 26.39 7.82
CA VAL D 206 -10.62 27.68 7.67
C VAL D 206 -10.19 27.76 6.21
N THR D 207 -10.41 28.91 5.57
CA THR D 207 -10.01 29.13 4.19
C THR D 207 -8.98 30.25 4.10
N LYS D 208 -7.88 30.02 3.40
CA LYS D 208 -6.90 31.05 3.06
C LYS D 208 -6.87 31.15 1.53
N SER D 209 -7.11 32.34 1.00
CA SER D 209 -7.23 32.50 -0.47
C SER D 209 -6.41 33.68 -0.99
N PHE D 210 -6.17 33.70 -2.29
CA PHE D 210 -5.44 34.83 -2.93
C PHE D 210 -5.93 34.97 -4.36
N ASN D 211 -5.89 36.19 -4.88
CA ASN D 211 -6.36 36.45 -6.27
C ASN D 211 -5.15 36.72 -7.15
N ARG D 212 -5.09 36.07 -8.33
CA ARG D 212 -3.96 36.30 -9.28
C ARG D 212 -3.83 37.79 -9.53
N GLY D 213 -2.68 38.37 -9.18
CA GLY D 213 -2.53 39.84 -9.30
C GLY D 213 -2.87 40.49 -7.97
N GLU D 214 -3.96 41.24 -7.91
CA GLU D 214 -4.41 41.93 -6.66
C GLU D 214 -3.21 42.61 -5.99
N CYS D 215 -3.03 42.40 -4.68
CA CYS D 215 -1.93 43.08 -3.94
C CYS D 215 -1.70 42.40 -2.59
N VAL E 6 35.30 -34.70 42.34
CA VAL E 6 34.06 -34.02 41.88
C VAL E 6 34.12 -33.90 40.35
N VAL E 7 32.99 -34.18 39.68
CA VAL E 7 32.96 -34.10 38.20
C VAL E 7 32.55 -32.69 37.80
N ARG E 8 33.46 -31.96 37.15
CA ARG E 8 33.15 -30.59 36.69
C ARG E 8 32.78 -30.66 35.21
N ARG E 9 31.81 -29.86 34.77
CA ARG E 9 31.34 -29.95 33.37
C ARG E 9 31.41 -28.57 32.70
N GLU E 10 31.90 -28.52 31.47
CA GLU E 10 31.99 -27.24 30.72
C GLU E 10 31.42 -27.42 29.32
N LEU E 11 30.97 -26.32 28.70
CA LEU E 11 30.44 -26.33 27.35
C LEU E 11 30.63 -24.95 26.75
N SER E 12 31.15 -24.94 25.50
CA SER E 12 31.37 -23.76 24.69
C SER E 12 30.99 -24.05 23.25
N CYS E 13 30.30 -23.09 22.63
CA CYS E 13 29.92 -23.23 21.20
C CYS E 13 31.16 -23.06 20.30
N GLU E 14 30.98 -23.18 18.99
CA GLU E 14 32.13 -23.06 18.05
C GLU E 14 32.72 -21.65 18.15
N SER E 15 34.05 -21.52 18.11
CA SER E 15 34.76 -20.20 18.23
C SER E 15 34.54 -19.58 19.61
N TYR E 16 34.37 -20.41 20.64
CA TYR E 16 34.24 -19.88 22.04
C TYR E 16 35.25 -20.58 22.94
N PRO E 17 36.02 -19.84 23.76
CA PRO E 17 37.09 -20.45 24.59
C PRO E 17 36.61 -21.28 25.79
N ILE E 18 36.89 -22.58 25.78
CA ILE E 18 36.56 -23.44 26.92
C ILE E 18 37.58 -23.21 28.02
N GLU E 19 37.10 -23.08 29.25
CA GLU E 19 37.99 -22.81 30.36
C GLU E 19 37.86 -23.91 31.39
N LEU E 20 38.96 -24.61 31.63
CA LEU E 20 38.97 -25.70 32.64
C LEU E 20 39.94 -25.31 33.75
N ARG E 21 39.54 -25.43 35.02
CA ARG E 21 40.40 -24.97 36.14
C ARG E 21 40.42 -25.99 37.29
N CYS E 22 41.59 -26.21 37.88
CA CYS E 22 41.72 -27.12 39.05
C CYS E 22 42.27 -26.34 40.24
N PRO E 23 41.84 -26.63 41.50
CA PRO E 23 42.27 -25.86 42.66
C PRO E 23 43.68 -26.17 43.20
N GLY E 24 44.42 -25.15 43.59
CA GLY E 24 45.75 -25.36 44.20
C GLY E 24 46.72 -26.05 43.27
N THR E 25 47.49 -27.01 43.81
CA THR E 25 48.49 -27.74 42.99
C THR E 25 47.84 -28.97 42.36
N ASP E 26 46.51 -29.03 42.36
CA ASP E 26 45.79 -30.18 41.74
C ASP E 26 45.92 -30.09 40.21
N VAL E 27 45.67 -31.20 39.50
CA VAL E 27 45.90 -31.22 38.02
C VAL E 27 44.64 -31.73 37.30
N ILE E 28 44.41 -31.29 36.06
CA ILE E 28 43.18 -31.68 35.29
C ILE E 28 43.31 -33.11 34.77
N MET E 29 42.24 -33.91 34.89
CA MET E 29 42.23 -35.28 34.31
C MET E 29 40.99 -35.36 33.44
N ILE E 30 41.16 -35.49 32.12
CA ILE E 30 39.99 -35.47 31.21
C ILE E 30 39.23 -36.79 31.35
N GLU E 31 37.93 -36.70 31.60
CA GLU E 31 37.05 -37.84 31.76
C GLU E 31 36.26 -38.15 30.49
N SER E 32 35.72 -37.12 29.83
CA SER E 32 34.97 -37.31 28.61
C SER E 32 34.96 -36.02 27.79
N ALA E 33 34.78 -36.15 26.48
CA ALA E 33 34.75 -34.98 25.62
C ALA E 33 33.99 -35.30 24.33
N ASN E 34 33.18 -34.36 23.86
CA ASN E 34 32.51 -34.49 22.57
C ASN E 34 32.44 -33.16 21.85
N TYR E 35 32.81 -33.19 20.57
CA TYR E 35 32.68 -32.04 19.68
C TYR E 35 31.69 -32.35 18.57
N GLY E 36 30.59 -31.63 18.50
CA GLY E 36 29.61 -31.92 17.50
C GLY E 36 28.24 -31.47 17.97
N ARG E 37 27.23 -32.31 17.79
CA ARG E 37 25.91 -31.85 18.22
C ARG E 37 25.06 -33.01 18.71
N THR E 38 24.61 -32.87 19.95
CA THR E 38 23.78 -33.85 20.62
C THR E 38 22.46 -33.23 21.04
N ASP E 39 22.29 -31.92 20.88
CA ASP E 39 21.07 -31.24 21.28
C ASP E 39 20.76 -30.14 20.28
N ASP E 40 19.47 -29.99 19.89
CA ASP E 40 19.07 -28.95 18.93
C ASP E 40 18.76 -27.58 19.57
N LYS E 41 18.71 -27.49 20.91
CA LYS E 41 18.42 -26.26 21.66
C LYS E 41 19.65 -25.64 22.33
N ILE E 42 20.84 -26.05 21.92
CA ILE E 42 22.12 -25.60 22.47
C ILE E 42 22.92 -24.91 21.37
N CYS E 43 23.49 -23.75 21.70
CA CYS E 43 24.32 -22.99 20.77
C CYS E 43 23.59 -22.63 19.48
N ASP E 44 22.79 -21.59 19.69
CA ASP E 44 21.90 -21.09 18.62
C ASP E 44 22.63 -20.75 17.34
N SER E 45 21.98 -21.11 16.25
CA SER E 45 22.45 -20.76 14.90
C SER E 45 21.21 -20.81 14.02
N ASP E 46 21.39 -20.68 12.72
CA ASP E 46 20.22 -20.83 11.82
C ASP E 46 19.69 -22.24 12.06
N PRO E 47 18.37 -22.46 12.07
CA PRO E 47 17.83 -23.78 12.39
C PRO E 47 18.53 -24.95 11.67
N ALA E 48 18.95 -24.75 10.42
CA ALA E 48 19.59 -25.83 9.62
C ALA E 48 20.84 -26.36 10.32
N GLN E 49 21.69 -25.46 10.81
CA GLN E 49 22.97 -25.88 11.45
C GLN E 49 22.72 -26.53 12.80
N MET E 50 21.47 -26.81 13.17
CA MET E 50 21.15 -27.38 14.51
C MET E 50 20.29 -28.64 14.39
N GLU E 51 19.89 -29.02 13.18
CA GLU E 51 18.97 -30.17 13.00
C GLU E 51 19.70 -31.49 13.25
N ASN E 52 20.92 -31.65 12.74
CA ASN E 52 21.70 -32.90 12.94
C ASN E 52 22.06 -33.01 14.42
N ILE E 53 21.35 -33.88 15.15
CA ILE E 53 21.57 -34.04 16.60
C ILE E 53 22.38 -35.31 16.81
N ARG E 54 22.84 -35.92 15.72
CA ARG E 54 23.64 -37.17 15.80
C ARG E 54 25.08 -36.88 15.34
N CYS E 55 25.67 -35.79 15.82
CA CYS E 55 27.05 -35.46 15.47
C CYS E 55 28.05 -35.54 16.63
N TYR E 56 28.89 -36.58 16.63
CA TYR E 56 29.89 -36.83 17.66
C TYR E 56 31.31 -36.94 17.07
N LEU E 57 32.31 -36.53 17.84
CA LEU E 57 33.71 -36.69 17.42
C LEU E 57 34.49 -37.52 18.43
N PRO E 58 34.78 -38.78 18.10
CA PRO E 58 35.52 -39.65 19.05
C PRO E 58 36.93 -39.14 19.37
N ASP E 59 37.61 -38.42 18.47
CA ASP E 59 38.96 -37.92 18.77
C ASP E 59 38.96 -36.77 19.78
N ALA E 60 37.79 -36.20 20.10
CA ALA E 60 37.73 -35.09 21.06
C ALA E 60 38.37 -35.46 22.38
N TYR E 61 38.17 -36.70 22.85
CA TYR E 61 38.79 -37.14 24.11
C TYR E 61 40.31 -37.08 24.03
N LYS E 62 40.89 -37.57 22.94
CA LYS E 62 42.37 -37.49 22.80
C LYS E 62 42.82 -36.03 22.81
N ILE E 63 42.26 -35.21 21.93
CA ILE E 63 42.72 -33.81 21.82
C ILE E 63 42.73 -33.20 23.22
N MET E 64 41.57 -33.11 23.86
CA MET E 64 41.47 -32.44 25.18
C MET E 64 42.46 -33.07 26.16
N SER E 65 42.55 -34.39 26.19
CA SER E 65 43.43 -35.05 27.19
C SER E 65 44.85 -34.54 27.04
N GLN E 66 45.39 -34.56 25.81
CA GLN E 66 46.80 -34.17 25.63
C GLN E 66 46.97 -32.68 25.93
N ARG E 67 46.00 -31.85 25.53
CA ARG E 67 46.15 -30.38 25.68
C ARG E 67 45.85 -29.89 27.10
N CYS E 68 45.11 -30.66 27.90
CA CYS E 68 44.70 -30.15 29.24
C CYS E 68 45.17 -31.03 30.40
N ASN E 69 45.48 -32.30 30.16
CA ASN E 69 45.82 -33.20 31.30
C ASN E 69 47.18 -32.87 31.87
N ASN E 70 47.40 -33.21 33.14
CA ASN E 70 48.69 -32.94 33.83
C ASN E 70 48.89 -31.43 33.92
N ARG E 71 47.81 -30.66 33.78
CA ARG E 71 47.88 -29.18 33.87
C ARG E 71 46.86 -28.69 34.91
N THR E 72 47.09 -27.52 35.48
CA THR E 72 46.15 -26.95 36.48
C THR E 72 45.15 -26.04 35.75
N GLN E 73 45.52 -25.57 34.55
CA GLN E 73 44.59 -24.75 33.79
C GLN E 73 44.66 -25.10 32.31
N CYS E 74 43.58 -24.78 31.60
CA CYS E 74 43.52 -25.08 30.18
C CYS E 74 42.60 -24.10 29.46
N ALA E 75 43.00 -23.69 28.26
CA ALA E 75 42.16 -22.83 27.43
C ALA E 75 42.22 -23.33 25.99
N VAL E 76 41.08 -23.76 25.45
CA VAL E 76 41.00 -24.33 24.11
C VAL E 76 39.88 -23.66 23.33
N VAL E 77 40.17 -23.18 22.13
CA VAL E 77 39.10 -22.60 21.26
C VAL E 77 38.45 -23.76 20.48
N ALA E 78 37.15 -23.98 20.69
CA ALA E 78 36.44 -25.08 20.01
C ALA E 78 36.22 -24.70 18.53
N GLY E 79 37.07 -25.21 17.63
CA GLY E 79 36.95 -24.84 16.21
C GLY E 79 37.75 -25.73 15.28
N PRO E 80 37.70 -25.47 13.96
CA PRO E 80 38.40 -26.29 12.98
C PRO E 80 39.91 -26.32 13.21
N ASP E 81 40.48 -25.26 13.77
CA ASP E 81 41.94 -25.18 13.98
C ASP E 81 42.39 -26.22 15.00
N VAL E 82 41.47 -26.74 15.81
CA VAL E 82 41.85 -27.69 16.89
C VAL E 82 41.20 -29.04 16.61
N PHE E 83 39.99 -29.04 16.08
CA PHE E 83 39.30 -30.30 15.90
C PHE E 83 38.93 -30.57 14.45
N PRO E 84 38.97 -31.85 14.05
CA PRO E 84 38.46 -32.22 12.73
C PRO E 84 36.94 -32.04 12.73
N ASP E 85 36.36 -32.03 11.54
CA ASP E 85 34.92 -31.82 11.41
C ASP E 85 34.09 -33.10 11.38
N PRO E 86 33.34 -33.42 12.42
CA PRO E 86 32.50 -34.63 12.38
C PRO E 86 31.19 -34.45 11.60
N CYS E 87 30.77 -33.24 11.31
CA CYS E 87 29.53 -32.96 10.58
C CYS E 87 29.56 -31.63 9.86
N PRO E 88 30.18 -31.53 8.68
CA PRO E 88 30.19 -30.24 8.00
C PRO E 88 28.80 -29.70 7.71
N GLY E 89 28.64 -28.41 7.99
CA GLY E 89 27.43 -27.68 7.81
C GLY E 89 26.66 -27.45 9.11
N THR E 90 26.73 -28.36 10.06
CA THR E 90 26.08 -28.20 11.35
C THR E 90 27.00 -27.49 12.37
N TYR E 91 26.44 -26.42 12.96
CA TYR E 91 27.17 -25.69 14.02
C TYR E 91 27.34 -26.64 15.19
N LYS E 92 28.56 -26.71 15.74
CA LYS E 92 28.87 -27.67 16.82
C LYS E 92 29.26 -27.01 18.14
N TYR E 93 29.46 -27.84 19.19
CA TYR E 93 29.88 -27.33 20.50
C TYR E 93 30.80 -28.35 21.16
N LEU E 94 31.72 -27.88 22.01
CA LEU E 94 32.66 -28.79 22.72
C LEU E 94 32.15 -29.00 24.15
N GLU E 95 31.75 -30.23 24.47
CA GLU E 95 31.27 -30.55 25.83
C GLU E 95 32.38 -31.30 26.56
N VAL E 96 32.69 -30.91 27.80
CA VAL E 96 33.86 -31.56 28.49
C VAL E 96 33.52 -31.85 29.96
N GLN E 97 33.84 -33.06 30.42
CA GLN E 97 33.66 -33.39 31.86
C GLN E 97 35.05 -33.78 32.39
N TYR E 98 35.48 -33.18 33.51
CA TYR E 98 36.85 -33.44 34.01
C TYR E 98 36.88 -33.48 35.53
N GLU E 99 37.94 -34.06 36.09
CA GLU E 99 38.08 -34.08 37.57
C GLU E 99 39.49 -33.58 37.93
N CYS E 100 39.67 -33.11 39.15
CA CYS E 100 40.98 -32.54 39.57
C CYS E 100 41.70 -33.55 40.47
N VAL E 101 42.91 -33.96 40.09
CA VAL E 101 43.62 -35.02 40.85
C VAL E 101 44.91 -34.47 41.46
N PRO E 102 45.42 -35.04 42.58
CA PRO E 102 46.70 -34.61 43.15
C PRO E 102 47.87 -34.75 42.17
N TYR E 103 48.86 -33.87 42.32
CA TYR E 103 50.05 -33.90 41.43
C TYR E 103 50.56 -35.33 41.29
N VAL F 6 -25.21 16.25 -57.78
CA VAL F 6 -24.27 16.47 -56.69
C VAL F 6 -23.65 15.19 -56.12
N VAL F 7 -22.34 15.21 -55.89
CA VAL F 7 -21.62 14.05 -55.34
C VAL F 7 -21.89 13.92 -53.84
N ARG F 8 -22.26 12.72 -53.40
CA ARG F 8 -22.46 12.40 -51.99
C ARG F 8 -21.35 11.44 -51.53
N ARG F 9 -20.96 11.56 -50.27
CA ARG F 9 -19.86 10.77 -49.75
C ARG F 9 -20.36 10.03 -48.52
N GLU F 10 -19.91 8.77 -48.44
CA GLU F 10 -20.25 7.91 -47.28
C GLU F 10 -18.98 7.20 -46.83
N LEU F 11 -18.90 6.84 -45.56
CA LEU F 11 -17.77 6.19 -44.91
C LEU F 11 -18.26 5.33 -43.75
N SER F 12 -17.68 4.13 -43.65
CA SER F 12 -18.07 3.19 -42.58
C SER F 12 -16.84 2.36 -42.21
N CYS F 13 -16.56 2.24 -40.91
CA CYS F 13 -15.33 1.55 -40.47
C CYS F 13 -15.45 0.05 -40.71
N GLU F 14 -14.33 -0.65 -40.63
CA GLU F 14 -14.33 -2.10 -40.90
C GLU F 14 -15.35 -2.79 -40.00
N SER F 15 -16.09 -3.74 -40.55
CA SER F 15 -17.11 -4.53 -39.87
C SER F 15 -18.39 -3.74 -39.70
N TYR F 16 -18.40 -2.47 -40.05
CA TYR F 16 -19.64 -1.74 -39.91
C TYR F 16 -20.26 -1.62 -41.29
N PRO F 17 -21.61 -1.54 -41.41
CA PRO F 17 -22.24 -1.49 -42.72
C PRO F 17 -22.40 -0.08 -43.32
N ILE F 18 -22.35 0.01 -44.64
CA ILE F 18 -22.57 1.33 -45.32
C ILE F 18 -23.89 1.24 -46.06
N GLU F 19 -24.68 2.32 -46.05
CA GLU F 19 -25.95 2.34 -46.83
C GLU F 19 -25.96 3.57 -47.71
N LEU F 20 -25.84 3.36 -49.02
CA LEU F 20 -25.90 4.48 -49.99
C LEU F 20 -27.36 4.66 -50.37
N ARG F 21 -27.90 5.88 -50.29
CA ARG F 21 -29.36 6.01 -50.56
C ARG F 21 -29.70 7.24 -51.41
N CYS F 22 -30.57 7.05 -52.41
CA CYS F 22 -30.99 8.16 -53.30
C CYS F 22 -32.49 8.40 -53.12
N PRO F 23 -32.98 9.65 -53.11
CA PRO F 23 -34.40 9.91 -52.85
C PRO F 23 -35.29 9.39 -53.98
N GLY F 24 -36.54 9.10 -53.61
CA GLY F 24 -37.58 8.57 -54.49
C GLY F 24 -37.18 7.41 -55.39
N THR F 25 -37.39 7.57 -56.71
CA THR F 25 -37.00 6.51 -57.68
C THR F 25 -35.75 6.96 -58.44
N ASP F 26 -34.62 7.09 -57.74
CA ASP F 26 -33.34 7.49 -58.39
C ASP F 26 -32.41 6.29 -58.54
N VAL F 27 -31.37 6.41 -59.38
CA VAL F 27 -30.41 5.30 -59.61
C VAL F 27 -29.06 5.68 -58.99
N ILE F 28 -28.47 4.79 -58.19
CA ILE F 28 -27.13 5.04 -57.59
C ILE F 28 -26.07 4.90 -58.67
N MET F 29 -25.21 5.91 -58.83
CA MET F 29 -24.09 5.81 -59.80
C MET F 29 -22.79 6.07 -59.03
N ILE F 30 -22.10 4.99 -58.64
CA ILE F 30 -20.83 5.10 -57.87
C ILE F 30 -19.79 5.90 -58.67
N GLU F 31 -19.10 6.84 -58.01
CA GLU F 31 -18.04 7.62 -58.70
C GLU F 31 -16.67 7.26 -58.10
N SER F 32 -16.65 6.86 -56.82
CA SER F 32 -15.37 6.48 -56.14
C SER F 32 -15.65 5.49 -55.00
N ALA F 33 -14.70 4.59 -54.72
CA ALA F 33 -14.86 3.58 -53.65
C ALA F 33 -13.49 3.03 -53.24
N ASN F 34 -13.14 3.15 -51.95
CA ASN F 34 -11.84 2.60 -51.48
C ASN F 34 -11.96 1.86 -50.14
N TYR F 35 -11.44 0.65 -50.06
CA TYR F 35 -11.45 -0.10 -48.77
C TYR F 35 -10.00 -0.27 -48.34
N GLY F 36 -9.56 0.54 -47.39
CA GLY F 36 -8.19 0.45 -46.89
C GLY F 36 -7.88 1.64 -46.01
N ARG F 37 -6.65 2.15 -46.05
CA ARG F 37 -6.36 3.27 -45.10
C ARG F 37 -5.63 4.41 -45.80
N THR F 38 -6.12 5.64 -45.64
CA THR F 38 -5.47 6.83 -46.26
C THR F 38 -5.29 7.94 -45.21
N ASP F 39 -5.67 7.69 -43.96
CA ASP F 39 -5.54 8.69 -42.86
C ASP F 39 -5.38 7.95 -41.54
N ASP F 40 -4.61 8.51 -40.60
CA ASP F 40 -4.33 7.80 -39.32
C ASP F 40 -5.31 8.25 -38.23
N LYS F 41 -6.15 9.25 -38.52
CA LYS F 41 -7.05 9.79 -37.46
C LYS F 41 -8.51 9.48 -37.79
N ILE F 42 -8.76 8.39 -38.51
CA ILE F 42 -10.16 8.04 -38.90
C ILE F 42 -10.41 6.57 -38.57
N CYS F 43 -11.58 6.27 -38.01
CA CYS F 43 -11.93 4.88 -37.63
C CYS F 43 -10.96 4.40 -36.55
N ASP F 44 -11.18 4.85 -35.31
CA ASP F 44 -10.25 4.54 -34.18
C ASP F 44 -9.93 3.05 -34.07
N SER F 45 -8.70 2.74 -33.65
CA SER F 45 -8.28 1.34 -33.39
C SER F 45 -7.04 1.41 -32.49
N ASP F 46 -6.33 0.30 -32.32
CA ASP F 46 -5.05 0.36 -31.56
C ASP F 46 -4.05 1.11 -32.43
N PRO F 47 -3.21 2.01 -31.88
CA PRO F 47 -2.28 2.82 -32.68
C PRO F 47 -1.53 2.07 -33.77
N ALA F 48 -0.99 0.90 -33.46
CA ALA F 48 -0.19 0.14 -34.43
C ALA F 48 -1.07 -0.39 -35.56
N GLN F 49 -2.36 -0.56 -35.31
CA GLN F 49 -3.29 -1.08 -36.34
C GLN F 49 -3.75 0.08 -37.23
N MET F 50 -3.25 1.28 -36.99
CA MET F 50 -3.64 2.46 -37.80
C MET F 50 -2.37 3.06 -38.43
N GLU F 51 -1.38 2.22 -38.75
CA GLU F 51 -0.08 2.76 -39.24
C GLU F 51 -0.08 3.01 -40.76
N ASN F 52 -0.34 1.99 -41.57
CA ASN F 52 -0.26 2.16 -43.05
C ASN F 52 -1.21 3.27 -43.49
N ILE F 53 -0.73 4.21 -44.31
CA ILE F 53 -1.56 5.33 -44.82
C ILE F 53 -1.67 5.16 -46.34
N ARG F 54 -1.01 4.13 -46.87
CA ARG F 54 -1.02 3.90 -48.33
C ARG F 54 -1.76 2.60 -48.63
N CYS F 55 -2.78 2.27 -47.83
CA CYS F 55 -3.57 1.05 -48.09
C CYS F 55 -4.75 1.39 -48.98
N TYR F 56 -4.70 0.94 -50.23
CA TYR F 56 -5.79 1.25 -51.19
C TYR F 56 -6.27 -0.04 -51.84
N LEU F 57 -7.56 -0.12 -52.14
CA LEU F 57 -8.07 -1.31 -52.89
C LEU F 57 -8.98 -0.77 -53.99
N PRO F 58 -8.49 -0.59 -55.24
CA PRO F 58 -9.30 0.00 -56.31
C PRO F 58 -10.40 -0.96 -56.77
N ASP F 59 -10.23 -2.25 -56.53
CA ASP F 59 -11.24 -3.26 -56.93
C ASP F 59 -12.57 -2.89 -56.27
N ALA F 60 -12.52 -2.18 -55.14
CA ALA F 60 -13.75 -1.78 -54.42
C ALA F 60 -14.67 -1.00 -55.36
N TYR F 61 -14.12 -0.17 -56.25
CA TYR F 61 -14.96 0.58 -57.22
C TYR F 61 -15.82 -0.42 -58.00
N LYS F 62 -15.20 -1.47 -58.55
CA LYS F 62 -15.95 -2.47 -59.35
C LYS F 62 -16.94 -3.18 -58.45
N ILE F 63 -16.47 -3.71 -57.32
CA ILE F 63 -17.34 -4.51 -56.43
C ILE F 63 -18.54 -3.65 -55.99
N MET F 64 -18.30 -2.40 -55.64
CA MET F 64 -19.40 -1.53 -55.16
C MET F 64 -20.37 -1.32 -56.32
N SER F 65 -19.86 -0.99 -57.49
CA SER F 65 -20.73 -0.70 -58.67
C SER F 65 -21.63 -1.89 -58.95
N GLN F 66 -21.05 -3.10 -58.97
CA GLN F 66 -21.85 -4.31 -59.23
C GLN F 66 -22.97 -4.42 -58.20
N ARG F 67 -22.66 -4.19 -56.93
CA ARG F 67 -23.66 -4.41 -55.86
C ARG F 67 -24.60 -3.22 -55.69
N CYS F 68 -24.29 -2.07 -56.29
CA CYS F 68 -25.13 -0.88 -55.99
C CYS F 68 -25.66 -0.21 -57.25
N ASN F 69 -24.92 -0.22 -58.34
CA ASN F 69 -25.36 0.56 -59.54
C ASN F 69 -26.76 0.17 -60.02
N ASN F 70 -27.50 1.12 -60.61
CA ASN F 70 -28.86 0.84 -61.17
C ASN F 70 -29.79 0.41 -60.03
N ARG F 71 -29.54 0.89 -58.82
CA ARG F 71 -30.43 0.56 -57.67
C ARG F 71 -30.80 1.86 -56.93
N THR F 72 -31.88 1.81 -56.17
CA THR F 72 -32.29 2.98 -55.38
C THR F 72 -31.46 3.12 -54.09
N GLN F 73 -31.15 1.99 -53.44
CA GLN F 73 -30.38 1.97 -52.19
C GLN F 73 -29.40 0.80 -52.24
N CYS F 74 -28.26 0.96 -51.58
CA CYS F 74 -27.26 -0.14 -51.57
C CYS F 74 -26.73 -0.30 -50.15
N ALA F 75 -26.28 -1.50 -49.81
CA ALA F 75 -25.76 -1.75 -48.46
C ALA F 75 -24.64 -2.78 -48.54
N VAL F 76 -23.50 -2.46 -47.94
CA VAL F 76 -22.35 -3.40 -47.92
C VAL F 76 -21.70 -3.34 -46.53
N VAL F 77 -21.47 -4.49 -45.92
CA VAL F 77 -20.72 -4.48 -44.66
C VAL F 77 -19.25 -4.45 -45.09
N ALA F 78 -18.48 -3.51 -44.57
CA ALA F 78 -17.06 -3.32 -44.89
C ALA F 78 -16.22 -4.36 -44.16
N GLY F 79 -16.06 -5.51 -44.77
CA GLY F 79 -15.37 -6.58 -44.10
C GLY F 79 -14.99 -7.76 -44.96
N PRO F 80 -14.61 -8.85 -44.31
CA PRO F 80 -14.15 -10.04 -45.03
C PRO F 80 -15.28 -10.72 -45.79
N ASP F 81 -16.51 -10.22 -45.65
CA ASP F 81 -17.66 -10.81 -46.37
C ASP F 81 -17.62 -10.36 -47.84
N VAL F 82 -17.11 -9.16 -48.09
CA VAL F 82 -17.13 -8.61 -49.47
C VAL F 82 -15.70 -8.45 -49.96
N PHE F 83 -14.98 -7.46 -49.45
CA PHE F 83 -13.60 -7.19 -49.90
C PHE F 83 -12.62 -8.15 -49.24
N PRO F 84 -11.43 -8.40 -49.84
CA PRO F 84 -10.39 -9.22 -49.18
C PRO F 84 -9.57 -8.36 -48.22
N ASP F 85 -8.32 -8.75 -47.90
CA ASP F 85 -7.52 -8.01 -46.91
C ASP F 85 -6.39 -7.23 -47.59
N PRO F 86 -6.60 -5.95 -48.00
CA PRO F 86 -5.58 -5.20 -48.74
C PRO F 86 -4.35 -4.90 -47.89
N CYS F 87 -4.54 -4.51 -46.63
CA CYS F 87 -3.38 -4.26 -45.71
C CYS F 87 -3.59 -5.08 -44.45
N PRO F 88 -3.25 -6.39 -44.45
CA PRO F 88 -3.49 -7.23 -43.29
C PRO F 88 -2.83 -6.59 -42.06
N GLY F 89 -3.59 -6.42 -40.98
CA GLY F 89 -3.03 -5.84 -39.75
C GLY F 89 -3.33 -4.36 -39.61
N THR F 90 -3.87 -3.72 -40.64
CA THR F 90 -4.27 -2.30 -40.54
C THR F 90 -5.80 -2.19 -40.58
N TYR F 91 -6.42 -1.71 -39.51
CA TYR F 91 -7.90 -1.56 -39.45
C TYR F 91 -8.32 -0.74 -40.66
N LYS F 92 -9.12 -1.33 -41.55
CA LYS F 92 -9.47 -0.63 -42.81
C LYS F 92 -10.81 0.08 -42.69
N TYR F 93 -11.16 0.87 -43.68
CA TYR F 93 -12.48 1.56 -43.70
C TYR F 93 -12.97 1.69 -45.14
N LEU F 94 -14.27 1.82 -45.33
CA LEU F 94 -14.83 1.87 -46.70
C LEU F 94 -15.30 3.29 -46.99
N GLU F 95 -14.68 3.95 -47.99
CA GLU F 95 -15.09 5.32 -48.40
C GLU F 95 -15.72 5.26 -49.81
N VAL F 96 -17.02 5.55 -49.93
CA VAL F 96 -17.70 5.43 -51.25
C VAL F 96 -18.33 6.78 -51.65
N GLN F 97 -17.93 7.33 -52.80
CA GLN F 97 -18.56 8.58 -53.31
C GLN F 97 -19.54 8.19 -54.42
N TYR F 98 -20.67 8.91 -54.55
CA TYR F 98 -21.69 8.47 -55.53
C TYR F 98 -22.65 9.62 -55.84
N GLU F 99 -23.33 9.54 -56.99
CA GLU F 99 -24.30 10.60 -57.39
C GLU F 99 -25.64 9.96 -57.75
N CYS F 100 -26.75 10.61 -57.40
CA CYS F 100 -28.10 10.06 -57.70
C CYS F 100 -28.56 10.59 -59.07
N VAL F 101 -28.83 9.67 -60.01
CA VAL F 101 -29.23 10.08 -61.40
C VAL F 101 -30.58 9.45 -61.74
N PRO F 102 -31.38 10.04 -62.67
CA PRO F 102 -32.64 9.44 -63.10
C PRO F 102 -32.45 8.13 -63.88
N TYR F 103 -33.52 7.34 -64.00
CA TYR F 103 -33.47 6.07 -64.76
C TYR F 103 -33.32 6.35 -66.25
N HIS F 104 -33.05 5.32 -67.05
CA HIS F 104 -32.89 5.47 -68.51
C HIS F 104 -33.73 6.65 -69.04
#